data_9UTC
#
_entry.id   9UTC
#
_cell.length_a   1.00
_cell.length_b   1.00
_cell.length_c   1.00
_cell.angle_alpha   90.00
_cell.angle_beta   90.00
_cell.angle_gamma   90.00
#
_symmetry.space_group_name_H-M   'P 1'
#
loop_
_entity.id
_entity.type
_entity.pdbx_description
1 polymer 'Taste receptor type 1 member 2,Taste receptor type 1 member 2,Engineered red fluorescent protein mScarlet3'
2 polymer 'Taste receptor type 1 member 3,mNeonGreen'
3 branched 4-chloro-4-deoxy-alpha-D-galactopyranose-(1-2)-1,6-dichloro-1,6-dideoxy-beta-D-fructofuranose
#
loop_
_entity_poly.entity_id
_entity_poly.type
_entity_poly.pdbx_seq_one_letter_code
_entity_poly.pdbx_strand_id
1 'polypeptide(L)'
;MKTIIALSYIFCLVFAGSDYKDDDDKGSADFYLPGDYLLGGLFSLHANMKGIVHLNFLQVPMCKEYEVKVIGYNLMQAMR
FAVEEINNDSSLLPGVLLGYEIVDVCYISNNVQPVLYFLAHEDNLLPIQEDYSNYISRVVAVIGPDNSESVMTVANFLSL
FLLPQITYSAISDELRDKVRFPALLRTTPSADHHIEAMVQLMLHFRWNWIIVLVSSDTYGRDNGQLLGERVARRDICIAF
QETLPTLQPNQNMTSEERQRLVTIVDKLQQSTARVVVVFSPDLTLYHFFNEVLRQNFTGAVWIASESWAIDPVLHNLTEL
RHLGTFLGITIQSVPIPGFSEFREWGPQAGPPPLSRTSQSYTCNQECDNCLNATLSFNTILRLSGERVVYSVYSAVYAVA
HALHSLLGCDKSTCTKRVVYPWQLLEEIWKVNFTLLDHQIFFDPQGDVALHLEIVQWQWDRSQNPFQSVASYYPLQRQLK
NIQDISWHTINNTIPMSMCSKRCQSGQKKKPVGIHVCCFECIDCLPGTFLNHTEDEYECQACPNNEWSYQSETSCFKRQL
VFLEWHEAPTIAVALLAALGFLSTLAILVIFWRHFQTPIVRSAGGPMCFLMLTLLLVAYMVVPVYVGPPKVSTCLCRQAL
FPLCFTICISCIAVRSFQIVCAFKMASRFPRAYSYWVRYQGPYVSMAFITVLKMVIVVIGMLATGLSPTTRTDPDDPKIT
IVSCNPNYRNSLLFNTSLDLLLSVVGFSFAYMGKELPTNYNEAKFITLSMTFYFTSSVSLCTFMSAYSGVLVTIVDLLVT
VLNLLAISLGYFGPKCYMILFYPERNTPAYFNSMIQGYTMRRDGSSGLEVLFQGPSGGDSTEAVIKEFMRFKVHMEGSMN
GHEFEIEGEGEGRPYEGTQTAKLRVTKGGPLPFSWDILSPQFMYGSRAFTKHPADIPDYWKQSFPEGFKWERVMNFEDGG
AVSVAQDTSLEDGTLIYKVKLRGTNFPPDGPVMQKKTMGWEASTERLYPEDVVLKGDIKMALRLKDGGRYLADFKTTYRA
KKPVQMPGAFNIDRKLDITSHNEDYTVVEQYERSVARH
;
A
2 'polypeptide(L)'
;MKTIIALSYIFCLVFAGSDYKDDDDKGSAPLCLSQQLRMKGDYVLGGLFPLGEAEEAGLRSRTRPSSPVCTRFSSNGLLW
ALAMKMAVEEINNKSDLLPGLRLGYDLFDTCSEPVVAMKPSLMFLAKAGSRDIAAYCNYTQYQPRVLAVIGPHSSELAMV
TGKFFSFFLMPQVSYGASMELLSARETFPSFFRTVPSDRVQLTAAAELLQEFGWNWVAALGSDDEYGRQGLSIFSALAAA
RGICIAHEGLVPLPRADDSRLGKVQDVLHQVNQSSVQVVLLFASVHAAHALFNYSISSRLSPKVWVASEAWLTSDLVMGL
PGMAQMGTVLGFLQRGAQLHEFPQYVKTHLALATDPAFCSALGEREQGLEEDVVGQRCPQCDCITLQNVSAGLNHHQTFS
VYAAVYSVAQALHNTLQCNASGCPAQDPVKPWQLLENMYNLTFHVGGLPLRFDSSGNVDMEYDLKLWVWQGSVPRLHDVG
RFNGSLRTERLKIRWHTSDNQKPVSRCSRQCQEGQVRRVKGFHSCCYDCVDCEAGSYRQNPDDIACTFCGQDEWSPERST
RCFRRRSRFLAWGEPAVLLLLLLLSLALGLVLAALGLFVHHRDSPLVQASGGPLACFGLVCLGLVCLSVLLFPGQPSPAR
CLAQQPLSHLPLTGCLSTLFLQAAEIFVESELPLSWADRLSGCLRGPWAWLVVLLAMLVEVALCTWYLVAFPPEVVTDWH
MLPTEALVHCRTRSWVSFGLAHATNATLAFLCFLGTFLVRSQPGCYNRARGLTFAMLAYFITWVSFVPLLANVQVVLRPA
VQMGALLLCVLGILAAFHLPRCYLLMRQPGLNTPEFFLGGGPGDAQGQNDGNTGNQGKHEGSSGLEVLFQGPSGGVSKGE
EDNMASLPATHELHIFGSINGVDFDMVGQGTGNPNDGYEELNLKSTKGDLQFSPWILVPHIGYGFHQYLPYPDGMSPFQA
AMVDGSGYQVHRTMQFEDGASLTVNYRYTYEGSHIKGEAQVKGTGFPADGPVMTNSLTAADWCRSKKTYPNDKTIISTFK
WSYTTGNGKRYRSTARTTYTFAKPMAANYLKNQPMYVFRKTELKHSKTELNFKEWQKAFTDVMGMDELYKGSENLYFQSS
GHHHHHHHHH
;
B
#
# COMPACT_ATOMS: atom_id res chain seq x y z
N ASP A 30 -33.03 1.34 -11.33
CA ASP A 30 -32.10 0.48 -12.11
C ASP A 30 -31.18 -0.26 -11.16
N PHE A 31 -31.73 -1.14 -10.31
CA PHE A 31 -30.89 -1.83 -9.34
C PHE A 31 -31.17 -3.32 -9.26
N TYR A 32 -31.94 -3.88 -10.19
CA TYR A 32 -32.27 -5.29 -10.14
C TYR A 32 -32.89 -5.70 -11.47
N LEU A 33 -32.46 -6.84 -11.99
CA LEU A 33 -33.08 -7.43 -13.16
C LEU A 33 -32.86 -8.92 -13.05
N PRO A 34 -33.89 -9.75 -13.22
CA PRO A 34 -33.70 -11.19 -13.21
C PRO A 34 -33.16 -11.69 -14.54
N GLY A 35 -32.71 -12.93 -14.52
CA GLY A 35 -32.23 -13.58 -15.73
C GLY A 35 -31.85 -15.01 -15.42
N ASP A 36 -31.59 -15.76 -16.49
CA ASP A 36 -31.11 -17.12 -16.31
C ASP A 36 -29.74 -17.13 -15.64
N TYR A 37 -28.86 -16.22 -16.03
CA TYR A 37 -27.56 -16.03 -15.41
C TYR A 37 -27.45 -14.58 -14.99
N LEU A 38 -27.22 -14.34 -13.71
CA LEU A 38 -27.11 -12.99 -13.19
C LEU A 38 -25.65 -12.55 -13.14
N LEU A 39 -25.46 -11.24 -12.95
CA LEU A 39 -24.14 -10.67 -12.71
C LEU A 39 -24.31 -9.51 -11.76
N GLY A 40 -23.22 -9.13 -11.10
CA GLY A 40 -23.29 -8.20 -9.99
C GLY A 40 -22.34 -7.04 -10.17
N GLY A 41 -22.77 -5.88 -9.71
CA GLY A 41 -22.00 -4.66 -9.87
C GLY A 41 -21.74 -3.96 -8.56
N LEU A 42 -20.46 -3.80 -8.23
CA LEU A 42 -20.07 -3.16 -6.98
C LEU A 42 -19.70 -1.70 -7.27
N PHE A 43 -20.74 -0.89 -7.47
CA PHE A 43 -20.57 0.50 -7.84
C PHE A 43 -20.56 1.40 -6.61
N SER A 44 -19.82 2.50 -6.71
CA SER A 44 -19.58 3.41 -5.59
C SER A 44 -20.41 4.67 -5.79
N LEU A 45 -21.64 4.66 -5.24
CA LEU A 45 -22.56 5.76 -5.43
C LEU A 45 -22.32 6.93 -4.48
N HIS A 46 -21.48 6.75 -3.46
CA HIS A 46 -21.26 7.79 -2.46
C HIS A 46 -19.83 7.71 -1.96
N ALA A 47 -19.48 8.62 -1.06
CA ALA A 47 -18.15 8.66 -0.48
C ALA A 47 -18.19 9.56 0.76
N ASN A 48 -17.03 9.76 1.37
CA ASN A 48 -16.92 10.57 2.58
C ASN A 48 -17.66 9.91 3.74
N MET A 62 -26.84 1.66 5.68
CA MET A 62 -27.23 2.38 4.48
C MET A 62 -26.04 3.13 3.89
N CYS A 63 -26.09 3.38 2.58
CA CYS A 63 -25.07 4.15 1.90
C CYS A 63 -25.49 5.58 1.64
N LYS A 64 -26.76 5.91 1.80
CA LYS A 64 -27.22 7.28 1.58
C LYS A 64 -26.60 8.26 2.57
N GLU A 65 -26.19 7.79 3.75
CA GLU A 65 -25.62 8.70 4.74
C GLU A 65 -24.32 9.31 4.25
N TYR A 66 -23.59 8.62 3.39
CA TYR A 66 -22.34 9.16 2.87
C TYR A 66 -22.62 10.19 1.77
N GLU A 67 -21.59 10.97 1.45
CA GLU A 67 -21.73 12.04 0.47
C GLU A 67 -21.98 11.44 -0.91
N VAL A 68 -22.97 11.97 -1.63
CA VAL A 68 -23.33 11.43 -2.93
C VAL A 68 -22.19 11.66 -3.92
N LYS A 69 -21.87 10.62 -4.68
CA LYS A 69 -20.85 10.68 -5.73
C LYS A 69 -21.53 10.40 -7.07
N VAL A 70 -21.36 11.32 -8.02
CA VAL A 70 -22.05 11.19 -9.29
C VAL A 70 -21.46 10.09 -10.13
N ILE A 71 -20.13 9.93 -10.09
CA ILE A 71 -19.46 9.05 -11.04
C ILE A 71 -19.89 7.60 -10.82
N GLY A 72 -20.23 7.23 -9.58
CA GLY A 72 -20.75 5.90 -9.35
C GLY A 72 -22.04 5.65 -10.12
N TYR A 73 -22.97 6.61 -10.06
CA TYR A 73 -24.21 6.46 -10.82
C TYR A 73 -23.92 6.44 -12.30
N ASN A 74 -22.96 7.24 -12.75
CA ASN A 74 -22.62 7.25 -14.17
C ASN A 74 -22.14 5.86 -14.62
N LEU A 75 -21.21 5.27 -13.87
CA LEU A 75 -20.69 3.96 -14.24
C LEU A 75 -21.78 2.90 -14.14
N MET A 76 -22.69 3.02 -13.17
CA MET A 76 -23.78 2.06 -13.09
C MET A 76 -24.66 2.15 -14.33
N GLN A 77 -25.00 3.35 -14.76
CA GLN A 77 -25.76 3.50 -15.99
C GLN A 77 -25.00 2.93 -17.18
N ALA A 78 -23.67 3.00 -17.13
CA ALA A 78 -22.87 2.39 -18.19
C ALA A 78 -23.09 0.89 -18.25
N MET A 79 -22.97 0.21 -17.10
CA MET A 79 -23.23 -1.23 -17.07
C MET A 79 -24.66 -1.52 -17.51
N ARG A 80 -25.59 -0.69 -17.06
CA ARG A 80 -26.97 -0.83 -17.46
C ARG A 80 -27.10 -0.89 -18.98
N PHE A 81 -26.55 0.11 -19.68
CA PHE A 81 -26.66 0.11 -21.12
C PHE A 81 -25.96 -1.10 -21.72
N ALA A 82 -24.82 -1.49 -21.13
CA ALA A 82 -24.14 -2.69 -21.58
C ALA A 82 -25.10 -3.86 -21.68
N VAL A 83 -25.68 -4.25 -20.55
CA VAL A 83 -26.49 -5.47 -20.57
C VAL A 83 -27.77 -5.25 -21.35
N GLU A 84 -28.32 -4.04 -21.32
CA GLU A 84 -29.55 -3.78 -22.06
C GLU A 84 -29.32 -4.03 -23.54
N GLU A 85 -28.24 -3.46 -24.09
CA GLU A 85 -27.94 -3.69 -25.50
C GLU A 85 -27.61 -5.16 -25.76
N ILE A 86 -26.96 -5.81 -24.80
CA ILE A 86 -26.67 -7.24 -24.98
C ILE A 86 -27.97 -8.01 -25.17
N ASN A 87 -28.99 -7.68 -24.39
CA ASN A 87 -30.29 -8.31 -24.57
C ASN A 87 -30.90 -7.94 -25.91
N ASN A 88 -30.89 -6.64 -26.24
CA ASN A 88 -31.44 -6.23 -27.53
C ASN A 88 -30.73 -6.91 -28.67
N ASP A 89 -29.40 -6.99 -28.61
CA ASP A 89 -28.62 -7.65 -29.65
C ASP A 89 -28.76 -9.16 -29.54
N SER A 90 -29.76 -9.72 -30.22
CA SER A 90 -30.03 -11.14 -30.10
C SER A 90 -28.84 -12.00 -30.51
N SER A 91 -27.92 -11.46 -31.30
CA SER A 91 -26.75 -12.24 -31.69
C SER A 91 -25.91 -12.60 -30.48
N LEU A 92 -25.71 -11.65 -29.56
CA LEU A 92 -24.77 -11.88 -28.46
C LEU A 92 -25.30 -12.94 -27.51
N LEU A 93 -26.59 -12.95 -27.22
CA LEU A 93 -27.13 -13.92 -26.28
C LEU A 93 -28.63 -14.08 -26.47
N PRO A 94 -29.08 -14.96 -27.36
CA PRO A 94 -30.53 -15.22 -27.46
C PRO A 94 -31.01 -15.93 -26.21
N GLY A 95 -32.03 -15.37 -25.58
CA GLY A 95 -32.45 -15.93 -24.31
C GLY A 95 -31.33 -15.80 -23.28
N VAL A 96 -31.39 -16.66 -22.27
CA VAL A 96 -30.42 -16.66 -21.16
C VAL A 96 -30.00 -15.23 -20.85
N LEU A 97 -30.98 -14.36 -20.64
CA LEU A 97 -30.69 -12.95 -20.41
C LEU A 97 -29.91 -12.77 -19.12
N LEU A 98 -29.03 -11.77 -19.11
CA LEU A 98 -28.30 -11.43 -17.90
C LEU A 98 -29.12 -10.48 -17.06
N GLY A 99 -28.89 -10.54 -15.75
CA GLY A 99 -29.57 -9.64 -14.84
C GLY A 99 -28.63 -9.08 -13.79
N TYR A 100 -28.40 -7.77 -13.86
CA TYR A 100 -27.51 -7.11 -12.93
C TYR A 100 -28.06 -7.15 -11.51
N GLU A 101 -27.16 -7.16 -10.54
CA GLU A 101 -27.51 -7.02 -9.13
C GLU A 101 -26.51 -6.06 -8.50
N ILE A 102 -26.90 -4.80 -8.35
CA ILE A 102 -25.99 -3.75 -7.88
C ILE A 102 -26.09 -3.66 -6.37
N VAL A 103 -24.95 -3.47 -5.73
CA VAL A 103 -24.89 -3.15 -4.31
C VAL A 103 -23.88 -2.01 -4.16
N ASP A 104 -24.35 -0.86 -3.69
CA ASP A 104 -23.45 0.25 -3.46
C ASP A 104 -22.35 -0.18 -2.50
N VAL A 105 -21.10 0.11 -2.86
CA VAL A 105 -19.97 -0.29 -2.03
C VAL A 105 -19.55 0.78 -1.03
N CYS A 106 -20.10 1.98 -1.12
CA CYS A 106 -19.72 3.08 -0.23
C CYS A 106 -18.21 3.27 -0.24
N TYR A 107 -17.64 3.29 -1.45
CA TYR A 107 -16.21 3.52 -1.63
C TYR A 107 -15.39 2.40 -0.99
N ILE A 108 -14.85 2.65 0.21
CA ILE A 108 -14.05 1.64 0.90
C ILE A 108 -14.78 1.01 2.07
N SER A 109 -15.98 1.49 2.42
CA SER A 109 -16.66 1.00 3.61
C SER A 109 -17.29 -0.37 3.36
N ASN A 110 -18.21 -0.44 2.40
CA ASN A 110 -18.98 -1.66 2.14
C ASN A 110 -18.32 -2.42 0.99
N ASN A 111 -17.35 -3.26 1.33
CA ASN A 111 -16.59 -4.03 0.36
C ASN A 111 -16.73 -5.53 0.54
N VAL A 112 -17.24 -5.98 1.68
CA VAL A 112 -17.22 -7.40 2.04
C VAL A 112 -18.61 -8.02 2.01
N GLN A 113 -19.62 -7.28 2.44
CA GLN A 113 -20.95 -7.85 2.57
C GLN A 113 -21.56 -8.07 1.18
N PRO A 114 -21.36 -7.17 0.21
CA PRO A 114 -21.91 -7.46 -1.12
C PRO A 114 -21.41 -8.76 -1.72
N VAL A 115 -20.13 -9.07 -1.54
CA VAL A 115 -19.61 -10.34 -2.05
C VAL A 115 -20.27 -11.50 -1.31
N LEU A 116 -20.38 -11.39 0.02
CA LEU A 116 -21.04 -12.44 0.79
C LEU A 116 -22.45 -12.68 0.28
N TYR A 117 -23.18 -11.60 0.00
CA TYR A 117 -24.50 -11.75 -0.61
C TYR A 117 -24.39 -12.45 -1.96
N PHE A 118 -23.41 -12.05 -2.75
CA PHE A 118 -23.09 -12.76 -3.97
C PHE A 118 -22.63 -14.18 -3.63
N LEU A 119 -22.54 -15.01 -4.66
CA LEU A 119 -22.12 -16.41 -4.52
C LEU A 119 -22.80 -17.07 -3.32
N ALA A 120 -24.04 -16.67 -3.05
CA ALA A 120 -24.86 -17.31 -2.04
C ALA A 120 -26.22 -17.62 -2.65
N HIS A 121 -26.78 -18.77 -2.26
CA HIS A 121 -28.05 -19.19 -2.83
C HIS A 121 -29.14 -18.16 -2.54
N GLU A 122 -30.29 -18.35 -3.20
CA GLU A 122 -31.38 -17.38 -3.08
C GLU A 122 -31.81 -17.17 -1.64
N ASP A 123 -31.62 -18.17 -0.79
CA ASP A 123 -32.05 -18.11 0.60
C ASP A 123 -31.07 -17.36 1.49
N ASN A 124 -30.15 -16.59 0.91
CA ASN A 124 -29.15 -15.86 1.67
C ASN A 124 -28.41 -16.81 2.62
N LEU A 125 -27.88 -17.87 2.03
CA LEU A 125 -27.22 -18.93 2.78
C LEU A 125 -26.11 -19.49 1.91
N LEU A 126 -24.87 -19.43 2.39
CA LEU A 126 -23.70 -19.82 1.61
C LEU A 126 -23.06 -21.06 2.21
N PRO A 127 -23.28 -22.25 1.65
CA PRO A 127 -22.63 -23.44 2.18
C PRO A 127 -21.13 -23.39 1.99
N ILE A 128 -20.40 -24.04 2.90
CA ILE A 128 -18.94 -24.03 2.92
C ILE A 128 -18.46 -25.44 2.68
N GLN A 129 -17.65 -25.62 1.65
CA GLN A 129 -17.03 -26.91 1.36
C GLN A 129 -15.57 -26.70 0.99
N GLU A 130 -14.78 -27.75 1.18
CA GLU A 130 -13.38 -27.70 0.78
C GLU A 130 -13.23 -27.61 -0.72
N ASP A 131 -14.14 -28.23 -1.47
CA ASP A 131 -14.12 -28.23 -2.92
C ASP A 131 -15.33 -27.44 -3.40
N TYR A 132 -15.08 -26.33 -4.09
CA TYR A 132 -16.13 -25.44 -4.57
C TYR A 132 -16.45 -25.66 -6.04
N SER A 133 -15.90 -26.71 -6.65
CA SER A 133 -16.13 -26.94 -8.06
C SER A 133 -17.62 -27.03 -8.36
N ASN A 134 -18.35 -27.76 -7.54
CA ASN A 134 -19.79 -27.95 -7.73
C ASN A 134 -20.50 -26.94 -6.83
N TYR A 135 -20.68 -25.73 -7.34
CA TYR A 135 -21.44 -24.71 -6.63
C TYR A 135 -22.23 -23.89 -7.64
N ILE A 136 -23.55 -23.87 -7.48
CA ILE A 136 -24.43 -23.07 -8.32
C ILE A 136 -24.48 -21.68 -7.70
N SER A 137 -23.87 -20.71 -8.38
CA SER A 137 -23.83 -19.33 -7.92
C SER A 137 -24.79 -18.50 -8.77
N ARG A 138 -25.72 -17.80 -8.11
CA ARG A 138 -26.66 -16.96 -8.84
C ARG A 138 -25.92 -15.90 -9.65
N VAL A 139 -25.04 -15.15 -9.01
CA VAL A 139 -24.19 -14.21 -9.73
C VAL A 139 -23.01 -15.00 -10.27
N VAL A 140 -22.79 -14.90 -11.57
CA VAL A 140 -21.79 -15.74 -12.21
C VAL A 140 -20.42 -15.04 -12.26
N ALA A 141 -20.39 -13.72 -12.29
CA ALA A 141 -19.14 -12.98 -12.29
C ALA A 141 -19.41 -11.57 -11.82
N VAL A 142 -19.05 -11.25 -10.57
CA VAL A 142 -19.19 -9.89 -10.11
C VAL A 142 -18.34 -9.00 -11.01
N ILE A 143 -18.79 -7.76 -11.20
CA ILE A 143 -18.16 -6.87 -12.17
C ILE A 143 -18.18 -5.42 -11.72
N GLY A 144 -17.02 -4.89 -11.35
CA GLY A 144 -16.86 -3.47 -11.21
C GLY A 144 -16.75 -2.91 -9.81
N PRO A 145 -16.01 -3.57 -8.91
CA PRO A 145 -15.53 -2.84 -7.74
C PRO A 145 -14.60 -1.72 -8.18
N ASP A 146 -14.77 -0.54 -7.58
CA ASP A 146 -14.17 0.68 -8.07
C ASP A 146 -12.81 0.97 -7.46
N ASN A 147 -12.75 1.16 -6.14
CA ASN A 147 -11.51 1.49 -5.48
C ASN A 147 -10.58 0.28 -5.46
N SER A 148 -9.28 0.56 -5.45
CA SER A 148 -8.29 -0.52 -5.45
C SER A 148 -8.37 -1.33 -4.16
N GLU A 149 -8.58 -0.67 -3.03
CA GLU A 149 -8.72 -1.40 -1.78
C GLU A 149 -9.96 -2.27 -1.79
N SER A 150 -11.09 -1.74 -2.24
CA SER A 150 -12.29 -2.55 -2.33
C SER A 150 -12.11 -3.68 -3.32
N VAL A 151 -11.44 -3.41 -4.44
CA VAL A 151 -11.17 -4.45 -5.42
C VAL A 151 -10.37 -5.57 -4.78
N MET A 152 -9.36 -5.22 -3.99
CA MET A 152 -8.52 -6.24 -3.37
C MET A 152 -9.31 -7.03 -2.34
N THR A 153 -10.15 -6.36 -1.56
CA THR A 153 -10.96 -7.10 -0.59
C THR A 153 -11.87 -8.10 -1.30
N VAL A 154 -12.53 -7.65 -2.38
CA VAL A 154 -13.41 -8.55 -3.13
C VAL A 154 -12.62 -9.69 -3.73
N ALA A 155 -11.44 -9.40 -4.29
CA ALA A 155 -10.66 -10.45 -4.94
C ALA A 155 -10.18 -11.48 -3.93
N ASN A 156 -9.77 -11.02 -2.74
CA ASN A 156 -9.40 -11.96 -1.69
C ASN A 156 -10.58 -12.82 -1.29
N PHE A 157 -11.77 -12.22 -1.19
CA PHE A 157 -12.94 -13.00 -0.82
C PHE A 157 -13.35 -13.95 -1.94
N LEU A 158 -12.99 -13.65 -3.18
CA LEU A 158 -13.44 -14.46 -4.32
C LEU A 158 -12.45 -15.54 -4.72
N SER A 159 -11.17 -15.41 -4.35
CA SER A 159 -10.19 -16.40 -4.75
C SER A 159 -10.59 -17.81 -4.31
N LEU A 160 -11.39 -17.93 -3.25
CA LEU A 160 -11.88 -19.25 -2.87
C LEU A 160 -12.79 -19.83 -3.94
N PHE A 161 -13.67 -19.01 -4.51
CA PHE A 161 -14.67 -19.49 -5.45
C PHE A 161 -14.23 -19.38 -6.91
N LEU A 162 -13.11 -18.73 -7.18
CA LEU A 162 -12.66 -18.52 -8.56
C LEU A 162 -13.79 -17.93 -9.40
N LEU A 163 -14.49 -17.00 -8.83
CA LEU A 163 -15.58 -16.31 -9.54
C LEU A 163 -15.07 -15.00 -10.11
N PRO A 164 -15.21 -14.76 -11.42
CA PRO A 164 -14.50 -13.64 -12.04
C PRO A 164 -14.91 -12.30 -11.43
N GLN A 165 -13.94 -11.41 -11.30
CA GLN A 165 -14.17 -10.03 -10.91
C GLN A 165 -13.47 -9.15 -11.91
N ILE A 166 -14.23 -8.33 -12.62
CA ILE A 166 -13.70 -7.43 -13.64
C ILE A 166 -13.89 -6.01 -13.14
N THR A 167 -12.80 -5.31 -12.91
CA THR A 167 -12.82 -3.98 -12.35
C THR A 167 -12.62 -2.96 -13.45
N TYR A 168 -13.36 -1.86 -13.36
CA TYR A 168 -13.35 -0.85 -14.40
C TYR A 168 -12.40 0.32 -14.09
N SER A 169 -11.96 0.45 -12.85
CA SER A 169 -11.12 1.58 -12.48
C SER A 169 -9.95 1.24 -11.58
N ALA A 170 -9.80 -0.01 -11.15
CA ALA A 170 -8.65 -0.35 -10.33
C ALA A 170 -7.37 -0.05 -11.09
N ILE A 171 -6.38 0.49 -10.38
CA ILE A 171 -5.17 0.97 -11.05
C ILE A 171 -3.95 0.36 -10.38
N SER A 172 -4.10 -0.10 -9.13
CA SER A 172 -2.95 -0.57 -8.39
C SER A 172 -2.20 -1.64 -9.17
N ASP A 173 -0.88 -1.47 -9.25
CA ASP A 173 -0.06 -2.42 -9.98
C ASP A 173 -0.11 -3.82 -9.37
N GLU A 174 -0.38 -3.92 -8.07
CA GLU A 174 -0.37 -5.22 -7.41
C GLU A 174 -1.42 -6.16 -7.98
N LEU A 175 -2.47 -5.62 -8.59
CA LEU A 175 -3.52 -6.47 -9.15
C LEU A 175 -3.04 -7.26 -10.35
N ARG A 176 -1.84 -6.97 -10.88
CA ARG A 176 -1.36 -7.68 -12.05
C ARG A 176 -0.86 -9.08 -11.72
N ASP A 177 -0.60 -9.37 -10.46
CA ASP A 177 -0.06 -10.68 -10.08
C ASP A 177 -1.21 -11.66 -9.92
N LYS A 178 -1.30 -12.62 -10.83
CA LYS A 178 -2.43 -13.54 -10.90
C LYS A 178 -2.19 -14.80 -10.08
N VAL A 179 -1.37 -14.72 -9.03
CA VAL A 179 -1.26 -15.79 -8.07
C VAL A 179 -2.05 -15.49 -6.80
N ARG A 180 -2.17 -14.22 -6.42
CA ARG A 180 -3.02 -13.82 -5.29
C ARG A 180 -4.45 -13.55 -5.70
N PHE A 181 -4.66 -13.04 -6.92
CA PHE A 181 -6.00 -12.73 -7.44
C PHE A 181 -6.15 -13.43 -8.78
N PRO A 182 -6.36 -14.75 -8.79
CA PRO A 182 -6.61 -15.42 -10.08
C PRO A 182 -7.83 -14.87 -10.78
N ALA A 183 -8.88 -14.56 -10.03
CA ALA A 183 -10.14 -14.07 -10.58
C ALA A 183 -10.23 -12.55 -10.42
N LEU A 184 -9.31 -11.83 -11.06
CA LEU A 184 -9.32 -10.37 -11.04
C LEU A 184 -8.98 -9.79 -12.40
N LEU A 185 -9.61 -10.31 -13.44
CA LEU A 185 -9.50 -9.65 -14.73
C LEU A 185 -9.77 -8.16 -14.56
N ARG A 186 -9.19 -7.35 -15.45
CA ARG A 186 -9.29 -5.90 -15.36
C ARG A 186 -9.34 -5.33 -16.76
N THR A 187 -9.99 -4.18 -16.90
CA THR A 187 -10.25 -3.57 -18.21
C THR A 187 -9.89 -2.10 -18.21
N THR A 188 -8.71 -1.78 -17.69
CA THR A 188 -8.18 -0.43 -17.77
C THR A 188 -6.70 -0.49 -17.44
N PRO A 189 -5.85 0.28 -18.13
CA PRO A 189 -4.40 0.11 -17.95
C PRO A 189 -3.97 0.41 -16.52
N SER A 190 -2.92 -0.29 -16.09
CA SER A 190 -2.49 -0.24 -14.70
C SER A 190 -1.74 1.06 -14.41
N ALA A 191 -1.37 1.24 -13.14
CA ALA A 191 -0.66 2.44 -12.74
C ALA A 191 0.63 2.63 -13.52
N ASP A 192 1.30 1.52 -13.85
CA ASP A 192 2.53 1.62 -14.63
C ASP A 192 2.29 2.37 -15.92
N HIS A 193 1.14 2.14 -16.56
CA HIS A 193 0.92 2.75 -17.87
C HIS A 193 0.62 4.24 -17.75
N HIS A 194 -0.17 4.64 -16.75
CA HIS A 194 -0.38 6.06 -16.53
C HIS A 194 0.94 6.75 -16.21
N ILE A 195 1.79 6.10 -15.42
CA ILE A 195 3.07 6.69 -15.06
C ILE A 195 3.93 6.86 -16.31
N GLU A 196 3.96 5.84 -17.16
CA GLU A 196 4.73 5.96 -18.39
C GLU A 196 4.17 7.06 -19.27
N ALA A 197 2.85 7.18 -19.34
CA ALA A 197 2.25 8.23 -20.15
C ALA A 197 2.69 9.60 -19.67
N MET A 198 2.61 9.83 -18.35
CA MET A 198 3.00 11.12 -17.82
C MET A 198 4.49 11.38 -18.06
N VAL A 199 5.34 10.38 -17.81
CA VAL A 199 6.78 10.58 -17.95
C VAL A 199 7.14 10.88 -19.40
N GLN A 200 6.53 10.16 -20.34
CA GLN A 200 6.79 10.44 -21.74
C GLN A 200 6.24 11.80 -22.15
N LEU A 201 5.15 12.24 -21.53
CA LEU A 201 4.68 13.60 -21.76
C LEU A 201 5.72 14.61 -21.33
N MET A 202 6.33 14.40 -20.16
CA MET A 202 7.30 15.38 -19.68
C MET A 202 8.59 15.28 -20.49
N LEU A 203 8.91 14.11 -21.03
CA LEU A 203 10.03 14.01 -21.97
C LEU A 203 9.75 14.81 -23.24
N HIS A 204 8.54 14.71 -23.77
CA HIS A 204 8.22 15.40 -25.02
C HIS A 204 8.31 16.92 -24.83
N PHE A 205 7.82 17.42 -23.71
CA PHE A 205 7.85 18.85 -23.43
C PHE A 205 9.11 19.27 -22.70
N ARG A 206 10.04 18.34 -22.46
CA ARG A 206 11.36 18.65 -21.89
C ARG A 206 11.24 19.26 -20.50
N TRP A 207 10.64 18.49 -19.59
CA TRP A 207 10.56 18.86 -18.18
C TRP A 207 11.45 17.88 -17.41
N ASN A 208 12.70 18.27 -17.18
CA ASN A 208 13.64 17.43 -16.44
C ASN A 208 13.75 17.81 -14.98
N TRP A 209 12.77 18.55 -14.45
CA TRP A 209 12.84 18.99 -13.06
C TRP A 209 11.40 19.21 -12.60
N ILE A 210 10.88 18.26 -11.83
CA ILE A 210 9.45 18.14 -11.58
C ILE A 210 9.22 17.97 -10.08
N ILE A 211 8.02 18.37 -9.65
CA ILE A 211 7.57 18.17 -8.27
C ILE A 211 6.43 17.15 -8.31
N VAL A 212 6.39 16.28 -7.31
CA VAL A 212 5.35 15.28 -7.17
C VAL A 212 4.84 15.31 -5.74
N LEU A 213 3.55 15.51 -5.56
CA LEU A 213 2.89 15.47 -4.27
C LEU A 213 1.95 14.28 -4.22
N VAL A 214 2.09 13.46 -3.19
CA VAL A 214 1.32 12.24 -3.06
C VAL A 214 0.30 12.42 -1.94
N SER A 215 -0.64 11.49 -1.87
CA SER A 215 -1.63 11.45 -0.81
C SER A 215 -1.09 10.60 0.34
N SER A 216 -1.96 10.30 1.31
CA SER A 216 -1.60 9.45 2.44
C SER A 216 -2.23 8.07 2.35
N ASP A 217 -2.76 7.69 1.19
CA ASP A 217 -3.36 6.39 0.96
C ASP A 217 -2.52 5.62 -0.05
N THR A 218 -2.94 4.40 -0.35
CA THR A 218 -2.18 3.56 -1.26
C THR A 218 -2.09 4.21 -2.63
N TYR A 219 -3.19 4.76 -3.13
CA TYR A 219 -3.19 5.41 -4.43
C TYR A 219 -2.16 6.52 -4.52
N GLY A 220 -1.80 7.12 -3.39
CA GLY A 220 -0.80 8.16 -3.38
C GLY A 220 0.60 7.62 -3.30
N ARG A 221 0.87 6.82 -2.26
CA ARG A 221 2.23 6.35 -2.03
C ARG A 221 2.71 5.44 -3.16
N ASP A 222 1.89 4.44 -3.53
CA ASP A 222 2.31 3.50 -4.56
C ASP A 222 2.55 4.23 -5.88
N ASN A 223 1.63 5.12 -6.26
CA ASN A 223 1.76 5.82 -7.53
C ASN A 223 2.96 6.75 -7.54
N GLY A 224 3.18 7.50 -6.46
CA GLY A 224 4.35 8.35 -6.39
C GLY A 224 5.63 7.55 -6.44
N GLN A 225 5.66 6.40 -5.79
CA GLN A 225 6.81 5.51 -5.89
C GLN A 225 7.03 5.08 -7.33
N LEU A 226 5.97 4.68 -8.03
CA LEU A 226 6.13 4.25 -9.40
C LEU A 226 6.67 5.39 -10.25
N LEU A 227 6.16 6.60 -10.03
CA LEU A 227 6.65 7.76 -10.78
C LEU A 227 8.11 8.01 -10.48
N GLY A 228 8.51 7.95 -9.22
CA GLY A 228 9.90 8.19 -8.88
C GLY A 228 10.84 7.17 -9.51
N GLU A 229 10.48 5.89 -9.40
CA GLU A 229 11.31 4.85 -9.98
C GLU A 229 11.38 5.01 -11.49
N ARG A 230 10.27 5.37 -12.13
CA ARG A 230 10.30 5.57 -13.57
C ARG A 230 11.21 6.73 -13.95
N VAL A 231 11.01 7.90 -13.33
CA VAL A 231 11.78 9.08 -13.70
C VAL A 231 13.25 8.91 -13.36
N ALA A 232 13.58 8.01 -12.44
CA ALA A 232 14.98 7.76 -12.13
C ALA A 232 15.73 7.29 -13.38
N ARG A 233 15.07 6.53 -14.23
CA ARG A 233 15.72 5.93 -15.39
C ARG A 233 15.50 6.69 -16.69
N ARG A 234 14.73 7.78 -16.68
CA ARG A 234 14.49 8.58 -17.88
C ARG A 234 15.03 10.00 -17.75
N ASP A 235 15.89 10.24 -16.77
CA ASP A 235 16.59 11.51 -16.58
C ASP A 235 15.69 12.63 -16.06
N ILE A 236 14.45 12.33 -15.69
CA ILE A 236 13.59 13.30 -15.03
C ILE A 236 13.86 13.20 -13.54
N CYS A 237 14.06 14.34 -12.89
CA CYS A 237 14.49 14.39 -11.50
C CYS A 237 13.41 14.99 -10.62
N ILE A 238 13.09 14.32 -9.53
CA ILE A 238 12.09 14.80 -8.59
C ILE A 238 12.71 15.85 -7.70
N ALA A 239 12.03 17.00 -7.58
CA ALA A 239 12.57 18.07 -6.75
C ALA A 239 12.37 17.75 -5.27
N PHE A 240 11.12 17.64 -4.84
CA PHE A 240 10.82 17.20 -3.49
C PHE A 240 9.42 16.61 -3.49
N GLN A 241 9.18 15.72 -2.53
CA GLN A 241 7.92 15.01 -2.41
C GLN A 241 7.27 15.36 -1.09
N GLU A 242 5.99 15.68 -1.12
CA GLU A 242 5.27 16.09 0.07
C GLU A 242 3.90 15.41 0.09
N THR A 243 3.59 14.77 1.22
CA THR A 243 2.34 14.05 1.36
C THR A 243 1.21 15.02 1.65
N LEU A 244 0.27 15.13 0.72
CA LEU A 244 -0.87 16.02 0.92
C LEU A 244 -1.75 15.45 2.03
N PRO A 245 -2.04 16.22 3.08
CA PRO A 245 -2.80 15.66 4.20
C PRO A 245 -4.17 15.18 3.75
N THR A 246 -4.63 14.10 4.37
CA THR A 246 -5.95 13.56 4.09
C THR A 246 -6.98 14.46 4.78
N LEU A 247 -7.82 15.11 3.98
CA LEU A 247 -8.87 15.98 4.49
C LEU A 247 -10.17 15.73 3.71
N GLN A 248 -11.28 16.08 4.35
CA GLN A 248 -12.61 15.87 3.79
C GLN A 248 -13.21 17.20 3.34
N PRO A 249 -14.01 17.22 2.27
CA PRO A 249 -14.68 18.47 1.89
C PRO A 249 -15.58 19.02 3.00
N ASN A 250 -16.22 18.16 3.78
CA ASN A 250 -17.09 18.62 4.85
C ASN A 250 -16.32 19.10 6.07
N GLN A 251 -15.05 18.71 6.20
CA GLN A 251 -14.28 19.09 7.38
C GLN A 251 -13.93 20.58 7.34
N ASN A 252 -13.73 21.14 8.53
CA ASN A 252 -13.47 22.57 8.68
C ASN A 252 -11.99 22.74 9.05
N MET A 253 -11.16 21.80 8.56
CA MET A 253 -9.71 21.92 8.69
C MET A 253 -9.30 21.89 10.17
N THR A 254 -8.02 21.65 10.43
CA THR A 254 -7.48 21.74 11.78
C THR A 254 -6.37 22.78 11.84
N SER A 255 -5.64 22.85 12.94
CA SER A 255 -4.56 23.81 13.08
C SER A 255 -3.26 23.28 12.49
N GLU A 256 -2.77 22.16 13.04
CA GLU A 256 -1.52 21.58 12.55
C GLU A 256 -1.61 21.30 11.06
N GLU A 257 -2.75 20.79 10.60
CA GLU A 257 -2.90 20.50 9.18
C GLU A 257 -2.86 21.79 8.35
N ARG A 258 -3.46 22.86 8.85
CA ARG A 258 -3.40 24.13 8.14
C ARG A 258 -1.96 24.62 8.03
N GLN A 259 -1.19 24.52 9.12
CA GLN A 259 0.20 24.92 9.07
C GLN A 259 0.97 24.04 8.09
N ARG A 260 0.68 22.74 8.10
CA ARG A 260 1.39 21.83 7.19
C ARG A 260 1.13 22.20 5.74
N LEU A 261 -0.12 22.50 5.39
CA LEU A 261 -0.41 22.84 4.01
C LEU A 261 0.17 24.21 3.65
N VAL A 262 0.21 25.14 4.60
CA VAL A 262 0.88 26.41 4.35
C VAL A 262 2.35 26.16 4.02
N THR A 263 2.99 25.28 4.77
CA THR A 263 4.39 24.94 4.49
C THR A 263 4.52 24.33 3.11
N ILE A 264 3.59 23.45 2.74
CA ILE A 264 3.65 22.80 1.44
C ILE A 264 3.59 23.84 0.32
N VAL A 265 2.65 24.78 0.43
CA VAL A 265 2.52 25.75 -0.65
C VAL A 265 3.70 26.69 -0.67
N ASP A 266 4.29 26.98 0.49
CA ASP A 266 5.50 27.79 0.51
C ASP A 266 6.63 27.08 -0.24
N LYS A 267 6.76 25.78 -0.04
CA LYS A 267 7.73 25.02 -0.82
C LYS A 267 7.39 25.07 -2.30
N LEU A 268 6.10 25.00 -2.63
CA LEU A 268 5.69 25.04 -4.03
C LEU A 268 6.12 26.35 -4.69
N GLN A 269 5.88 27.46 -4.01
CA GLN A 269 6.25 28.76 -4.56
C GLN A 269 7.73 29.04 -4.46
N GLN A 270 8.46 28.30 -3.61
CA GLN A 270 9.91 28.44 -3.55
C GLN A 270 10.56 27.71 -4.71
N SER A 271 10.34 26.40 -4.80
CA SER A 271 11.09 25.56 -5.73
C SER A 271 10.94 26.06 -7.16
N THR A 272 12.05 26.06 -7.89
CA THR A 272 12.03 26.45 -9.29
C THR A 272 11.27 25.46 -10.16
N ALA A 273 11.16 24.20 -9.74
CA ALA A 273 10.43 23.21 -10.51
C ALA A 273 8.96 23.61 -10.60
N ARG A 274 8.43 23.68 -11.82
CA ARG A 274 7.09 24.19 -12.05
C ARG A 274 6.17 23.15 -12.69
N VAL A 275 6.49 21.86 -12.55
CA VAL A 275 5.57 20.79 -12.90
C VAL A 275 5.23 20.06 -11.62
N VAL A 276 3.99 20.16 -11.19
CA VAL A 276 3.52 19.53 -9.96
C VAL A 276 2.60 18.38 -10.34
N VAL A 277 3.02 17.16 -10.03
CA VAL A 277 2.24 15.96 -10.30
C VAL A 277 1.62 15.50 -8.98
N VAL A 278 0.31 15.69 -8.85
CA VAL A 278 -0.41 15.41 -7.61
C VAL A 278 -1.14 14.08 -7.76
N PHE A 279 -0.86 13.17 -6.83
CA PHE A 279 -1.55 11.88 -6.74
C PHE A 279 -2.46 11.95 -5.52
N SER A 280 -3.77 11.90 -5.75
CA SER A 280 -4.71 11.94 -4.63
C SER A 280 -6.11 11.66 -5.14
N PRO A 281 -6.94 10.95 -4.38
CA PRO A 281 -8.37 10.93 -4.66
C PRO A 281 -8.91 12.35 -4.86
N ASP A 282 -10.07 12.42 -5.51
CA ASP A 282 -10.66 13.71 -5.86
C ASP A 282 -10.97 14.54 -4.61
N LEU A 283 -11.69 13.96 -3.66
CA LEU A 283 -12.20 14.73 -2.54
C LEU A 283 -11.10 15.17 -1.58
N THR A 284 -9.86 14.85 -1.89
CA THR A 284 -8.72 15.31 -1.10
C THR A 284 -8.08 16.58 -1.62
N LEU A 285 -8.12 16.81 -2.93
CA LEU A 285 -7.45 17.97 -3.50
C LEU A 285 -8.08 19.27 -3.03
N TYR A 286 -9.41 19.32 -2.96
CA TYR A 286 -10.14 20.57 -2.81
C TYR A 286 -9.46 21.54 -1.86
N HIS A 287 -9.22 21.10 -0.62
CA HIS A 287 -8.66 21.99 0.38
C HIS A 287 -7.27 22.48 0.00
N PHE A 288 -6.41 21.56 -0.43
CA PHE A 288 -5.04 21.94 -0.77
C PHE A 288 -5.04 22.93 -1.92
N PHE A 289 -5.86 22.68 -2.93
CA PHE A 289 -5.95 23.61 -4.06
C PHE A 289 -6.47 24.97 -3.61
N ASN A 290 -7.34 24.99 -2.61
CA ASN A 290 -7.86 26.27 -2.13
C ASN A 290 -6.72 27.21 -1.78
N GLU A 291 -5.90 26.85 -0.80
CA GLU A 291 -4.83 27.76 -0.38
C GLU A 291 -3.67 27.77 -1.36
N VAL A 292 -3.54 26.78 -2.24
CA VAL A 292 -2.63 26.94 -3.37
C VAL A 292 -3.03 28.18 -4.16
N LEU A 293 -4.32 28.27 -4.49
CA LEU A 293 -4.85 29.45 -5.16
C LEU A 293 -4.62 30.70 -4.32
N ARG A 294 -5.04 30.66 -3.06
CA ARG A 294 -4.98 31.87 -2.24
C ARG A 294 -3.56 32.38 -2.10
N GLN A 295 -2.58 31.51 -2.20
CA GLN A 295 -1.18 31.91 -2.06
C GLN A 295 -0.66 32.64 -3.29
N ASN A 296 -1.53 32.94 -4.26
CA ASN A 296 -1.11 33.66 -5.46
C ASN A 296 -0.04 32.89 -6.21
N PHE A 297 -0.08 31.56 -6.10
CA PHE A 297 0.88 30.69 -6.78
C PHE A 297 0.41 30.54 -8.23
N THR A 298 1.05 31.25 -9.14
CA THR A 298 0.52 31.46 -10.49
C THR A 298 1.01 30.42 -11.49
N GLY A 299 2.32 30.37 -11.72
CA GLY A 299 2.84 29.53 -12.77
C GLY A 299 2.98 28.08 -12.37
N ALA A 300 2.47 27.17 -13.17
CA ALA A 300 2.53 25.75 -12.82
C ALA A 300 1.99 24.92 -13.96
N VAL A 301 2.25 23.62 -13.90
CA VAL A 301 1.66 22.65 -14.81
C VAL A 301 1.29 21.45 -13.95
N TRP A 302 0.03 21.34 -13.57
CA TRP A 302 -0.43 20.25 -12.73
C TRP A 302 -0.80 19.05 -13.58
N ILE A 303 0.12 18.12 -13.72
CA ILE A 303 -0.21 16.82 -14.29
C ILE A 303 -1.07 16.09 -13.27
N ALA A 304 -2.33 15.86 -13.62
CA ALA A 304 -3.30 15.31 -12.69
C ALA A 304 -3.38 13.80 -12.83
N SER A 305 -3.44 13.11 -11.71
CA SER A 305 -3.55 11.67 -11.72
C SER A 305 -4.91 11.25 -12.27
N GLU A 306 -5.00 9.98 -12.64
CA GLU A 306 -6.23 9.47 -13.22
C GLU A 306 -7.41 9.65 -12.27
N SER A 307 -7.15 9.71 -10.97
CA SER A 307 -8.23 9.86 -10.01
C SER A 307 -8.98 11.17 -10.23
N TRP A 308 -8.27 12.29 -10.27
CA TRP A 308 -8.88 13.60 -10.43
C TRP A 308 -8.54 14.23 -11.77
N ALA A 309 -8.23 13.42 -12.77
CA ALA A 309 -7.99 13.94 -14.11
C ALA A 309 -9.29 14.15 -14.88
N ILE A 310 -10.40 13.62 -14.39
CA ILE A 310 -11.68 13.79 -15.07
C ILE A 310 -12.78 14.18 -14.08
N ASP A 311 -12.41 14.53 -12.87
CA ASP A 311 -13.43 14.79 -11.86
C ASP A 311 -13.92 16.23 -11.97
N PRO A 312 -15.22 16.45 -12.14
CA PRO A 312 -15.73 17.82 -12.32
C PRO A 312 -16.02 18.59 -11.04
N VAL A 313 -15.70 18.02 -9.87
CA VAL A 313 -15.98 18.73 -8.63
C VAL A 313 -15.05 19.92 -8.45
N LEU A 314 -13.76 19.73 -8.77
CA LEU A 314 -12.79 20.82 -8.60
C LEU A 314 -12.99 21.95 -9.58
N HIS A 315 -13.75 21.72 -10.66
CA HIS A 315 -13.98 22.79 -11.62
C HIS A 315 -14.72 23.95 -11.00
N ASN A 316 -15.73 23.68 -10.18
CA ASN A 316 -16.59 24.73 -9.63
C ASN A 316 -15.78 25.78 -8.87
N LEU A 317 -14.50 25.50 -8.61
CA LEU A 317 -13.65 26.53 -8.03
C LEU A 317 -13.60 27.75 -8.93
N THR A 318 -13.73 27.55 -10.24
CA THR A 318 -14.02 28.60 -11.22
C THR A 318 -12.92 29.66 -11.28
N GLU A 319 -11.85 29.53 -10.50
CA GLU A 319 -10.71 30.43 -10.61
C GLU A 319 -9.41 29.63 -10.60
N LEU A 320 -9.44 28.43 -11.18
CA LEU A 320 -8.26 27.60 -11.33
C LEU A 320 -7.37 28.05 -12.47
N ARG A 321 -7.87 28.89 -13.37
CA ARG A 321 -7.00 29.42 -14.43
C ARG A 321 -5.78 30.10 -13.83
N HIS A 322 -5.94 30.82 -12.72
CA HIS A 322 -4.82 31.48 -12.09
C HIS A 322 -3.74 30.50 -11.65
N LEU A 323 -4.10 29.26 -11.35
CA LEU A 323 -3.12 28.28 -10.89
C LEU A 323 -2.23 27.79 -12.02
N GLY A 324 -2.75 27.77 -13.24
CA GLY A 324 -1.98 27.38 -14.41
C GLY A 324 -2.63 26.23 -15.15
N THR A 325 -2.02 25.88 -16.27
CA THR A 325 -2.51 24.81 -17.12
C THR A 325 -2.64 23.52 -16.32
N PHE A 326 -3.86 23.02 -16.15
CA PHE A 326 -4.08 21.74 -15.49
C PHE A 326 -4.17 20.63 -16.52
N LEU A 327 -3.41 19.58 -16.30
CA LEU A 327 -3.35 18.44 -17.20
C LEU A 327 -3.67 17.19 -16.38
N GLY A 328 -4.15 16.16 -17.06
CA GLY A 328 -4.50 14.93 -16.38
C GLY A 328 -4.37 13.76 -17.32
N ILE A 329 -4.40 12.56 -16.74
CA ILE A 329 -4.25 11.32 -17.47
C ILE A 329 -5.52 10.51 -17.28
N THR A 330 -6.08 10.00 -18.37
CA THR A 330 -7.33 9.26 -18.29
C THR A 330 -7.39 8.27 -19.44
N ILE A 331 -8.54 7.63 -19.59
CA ILE A 331 -8.81 6.67 -20.65
C ILE A 331 -9.99 7.21 -21.45
N GLN A 332 -9.73 7.63 -22.68
CA GLN A 332 -10.72 8.29 -23.50
C GLN A 332 -11.28 7.30 -24.51
N SER A 333 -12.60 7.30 -24.65
CA SER A 333 -13.27 6.43 -25.62
C SER A 333 -14.47 7.13 -26.19
N VAL A 334 -14.83 6.74 -27.41
CA VAL A 334 -16.04 7.27 -28.03
C VAL A 334 -17.21 6.99 -27.10
N PRO A 335 -18.16 7.90 -26.92
CA PRO A 335 -19.31 7.58 -26.07
C PRO A 335 -20.11 6.43 -26.63
N ILE A 336 -20.77 5.70 -25.73
CA ILE A 336 -21.66 4.64 -26.18
C ILE A 336 -22.73 5.26 -27.07
N PRO A 337 -23.03 4.70 -28.25
CA PRO A 337 -23.86 5.45 -29.21
C PRO A 337 -25.19 5.89 -28.65
N GLY A 338 -25.86 5.05 -27.88
CA GLY A 338 -27.16 5.36 -27.35
C GLY A 338 -27.18 5.81 -25.90
N PHE A 339 -26.04 6.13 -25.30
CA PHE A 339 -26.01 6.35 -23.87
C PHE A 339 -26.89 7.52 -23.46
N SER A 340 -27.17 8.46 -24.36
CA SER A 340 -28.00 9.60 -23.99
C SER A 340 -29.37 9.14 -23.52
N GLU A 341 -29.93 8.13 -24.19
CA GLU A 341 -31.28 7.69 -23.87
C GLU A 341 -31.36 7.19 -22.43
N PHE A 342 -30.42 6.35 -22.02
CA PHE A 342 -30.46 5.80 -20.67
C PHE A 342 -30.02 6.84 -19.64
N ARG A 343 -29.12 7.74 -20.02
CA ARG A 343 -28.68 8.76 -19.07
C ARG A 343 -29.80 9.71 -18.72
N GLU A 344 -30.55 10.18 -19.71
CA GLU A 344 -31.57 11.19 -19.48
C GLU A 344 -32.95 10.60 -19.21
N TRP A 345 -33.09 9.28 -19.24
CA TRP A 345 -34.41 8.69 -19.03
C TRP A 345 -34.91 9.00 -17.62
N GLY A 346 -36.22 9.12 -17.50
CA GLY A 346 -36.84 9.40 -16.22
C GLY A 346 -37.35 8.15 -15.52
N TYR A 361 -33.23 -6.33 -0.81
CA TYR A 361 -32.66 -7.67 -0.77
C TYR A 361 -31.26 -7.64 -0.20
N THR A 362 -30.60 -6.49 -0.31
CA THR A 362 -29.23 -6.32 0.17
C THR A 362 -29.13 -5.03 0.96
N CYS A 363 -28.17 -4.98 1.87
CA CYS A 363 -27.96 -3.79 2.69
C CYS A 363 -27.27 -2.70 1.88
N ASN A 364 -27.62 -1.45 2.17
CA ASN A 364 -27.05 -0.27 1.51
C ASN A 364 -26.90 -0.51 0.02
N GLN A 365 -27.95 -1.06 -0.59
CA GLN A 365 -27.99 -1.25 -2.03
C GLN A 365 -29.04 -0.37 -2.70
N GLU A 366 -29.24 0.85 -2.21
CA GLU A 366 -30.06 1.84 -2.90
C GLU A 366 -29.61 3.24 -2.52
N CYS A 367 -29.72 4.17 -3.47
CA CYS A 367 -29.40 5.57 -3.26
C CYS A 367 -30.68 6.39 -3.23
N ASP A 368 -30.54 7.65 -2.85
CA ASP A 368 -31.68 8.55 -2.67
C ASP A 368 -31.67 9.74 -3.62
N ASN A 369 -30.56 10.49 -3.67
CA ASN A 369 -30.48 11.71 -4.47
C ASN A 369 -29.48 11.59 -5.60
N CYS A 370 -29.20 10.38 -6.07
CA CYS A 370 -28.22 10.21 -7.13
C CYS A 370 -28.76 10.65 -8.48
N LEU A 371 -30.03 10.36 -8.77
CA LEU A 371 -30.59 10.66 -10.08
C LEU A 371 -30.65 12.16 -10.32
N ASN A 372 -31.14 12.92 -9.34
CA ASN A 372 -31.24 14.36 -9.50
C ASN A 372 -29.88 15.00 -9.66
N ALA A 373 -28.90 14.58 -8.86
CA ALA A 373 -27.55 15.12 -8.97
C ALA A 373 -26.94 14.78 -10.32
N THR A 374 -27.15 13.54 -10.79
CA THR A 374 -26.63 13.15 -12.09
C THR A 374 -27.24 13.99 -13.20
N LEU A 375 -28.56 14.20 -13.17
CA LEU A 375 -29.18 15.05 -14.17
C LEU A 375 -28.70 16.49 -14.09
N SER A 376 -28.45 16.99 -12.88
CA SER A 376 -27.95 18.35 -12.74
C SER A 376 -26.57 18.49 -13.36
N PHE A 377 -25.65 17.60 -13.02
CA PHE A 377 -24.31 17.64 -13.59
C PHE A 377 -24.27 17.07 -14.99
N ASN A 378 -25.41 16.65 -15.53
CA ASN A 378 -25.44 16.12 -16.89
C ASN A 378 -24.84 17.09 -17.88
N THR A 379 -24.94 18.40 -17.62
CA THR A 379 -24.30 19.36 -18.51
C THR A 379 -22.82 19.01 -18.69
N ILE A 380 -22.10 18.86 -17.58
CA ILE A 380 -20.68 18.52 -17.64
C ILE A 380 -20.47 17.10 -18.13
N LEU A 381 -21.26 16.15 -17.62
CA LEU A 381 -21.02 14.75 -17.96
C LEU A 381 -21.20 14.51 -19.46
N ARG A 382 -22.24 15.07 -20.05
CA ARG A 382 -22.41 14.99 -21.50
C ARG A 382 -21.35 15.80 -22.22
N LEU A 383 -21.13 17.05 -21.81
CA LEU A 383 -20.11 17.87 -22.46
C LEU A 383 -18.74 17.23 -22.33
N SER A 384 -18.43 16.69 -21.15
CA SER A 384 -17.16 16.01 -20.96
C SER A 384 -17.11 14.67 -21.69
N GLY A 385 -18.26 14.08 -21.98
CA GLY A 385 -18.27 12.80 -22.67
C GLY A 385 -17.66 11.70 -21.83
N GLU A 386 -18.34 11.32 -20.75
CA GLU A 386 -17.80 10.32 -19.84
C GLU A 386 -17.19 9.15 -20.59
N ARG A 387 -16.01 8.73 -20.14
CA ARG A 387 -15.18 7.82 -20.92
C ARG A 387 -14.82 6.57 -20.11
N VAL A 388 -14.62 6.73 -18.80
CA VAL A 388 -14.44 5.58 -17.93
C VAL A 388 -15.67 4.68 -17.91
N VAL A 389 -16.78 5.13 -18.49
CA VAL A 389 -17.93 4.27 -18.66
C VAL A 389 -17.61 3.14 -19.63
N TYR A 390 -16.77 3.39 -20.64
CA TYR A 390 -16.42 2.32 -21.56
C TYR A 390 -15.61 1.22 -20.90
N SER A 391 -14.92 1.51 -19.79
CA SER A 391 -14.25 0.46 -19.05
C SER A 391 -15.25 -0.57 -18.53
N VAL A 392 -16.29 -0.09 -17.83
CA VAL A 392 -17.32 -0.99 -17.35
C VAL A 392 -18.11 -1.60 -18.50
N TYR A 393 -18.31 -0.83 -19.58
CA TYR A 393 -18.96 -1.35 -20.77
C TYR A 393 -18.19 -2.57 -21.31
N SER A 394 -16.88 -2.43 -21.45
CA SER A 394 -16.07 -3.51 -21.98
C SER A 394 -15.99 -4.68 -21.01
N ALA A 395 -15.96 -4.41 -19.70
CA ALA A 395 -16.02 -5.51 -18.73
C ALA A 395 -17.30 -6.31 -18.90
N VAL A 396 -18.42 -5.61 -19.01
CA VAL A 396 -19.70 -6.30 -19.16
C VAL A 396 -19.72 -7.09 -20.46
N TYR A 397 -19.17 -6.51 -21.53
CA TYR A 397 -19.17 -7.25 -22.80
C TYR A 397 -18.21 -8.44 -22.77
N ALA A 398 -17.12 -8.35 -22.02
CA ALA A 398 -16.22 -9.48 -21.89
C ALA A 398 -16.91 -10.62 -21.14
N VAL A 399 -17.57 -10.30 -20.03
CA VAL A 399 -18.31 -11.33 -19.32
C VAL A 399 -19.40 -11.90 -20.21
N ALA A 400 -20.10 -11.03 -20.95
CA ALA A 400 -21.17 -11.48 -21.81
C ALA A 400 -20.65 -12.43 -22.88
N HIS A 401 -19.52 -12.12 -23.50
CA HIS A 401 -18.99 -12.98 -24.55
C HIS A 401 -18.47 -14.29 -24.01
N ALA A 402 -17.79 -14.25 -22.85
CA ALA A 402 -17.36 -15.50 -22.24
C ALA A 402 -18.56 -16.39 -21.92
N LEU A 403 -19.61 -15.81 -21.34
CA LEU A 403 -20.79 -16.58 -21.01
C LEU A 403 -21.49 -17.09 -22.27
N HIS A 404 -21.54 -16.27 -23.32
CA HIS A 404 -22.17 -16.71 -24.57
C HIS A 404 -21.43 -17.89 -25.17
N SER A 405 -20.12 -17.75 -25.38
CA SER A 405 -19.38 -18.84 -25.99
C SER A 405 -19.35 -20.07 -25.11
N LEU A 406 -19.40 -19.90 -23.79
CA LEU A 406 -19.43 -21.07 -22.92
C LEU A 406 -20.71 -21.86 -23.12
N LEU A 407 -21.84 -21.17 -23.25
CA LEU A 407 -23.08 -21.83 -23.63
C LEU A 407 -23.10 -22.24 -25.09
N GLY A 408 -22.14 -21.77 -25.89
CA GLY A 408 -22.04 -22.19 -27.28
C GLY A 408 -23.23 -21.80 -28.14
N CYS A 409 -23.72 -20.58 -28.00
CA CYS A 409 -24.87 -20.12 -28.77
C CYS A 409 -24.37 -19.70 -30.15
N ASP A 410 -24.64 -20.54 -31.16
CA ASP A 410 -24.14 -20.32 -32.51
C ASP A 410 -25.15 -19.50 -33.33
N LYS A 411 -25.50 -18.34 -32.79
CA LYS A 411 -26.38 -17.40 -33.48
C LYS A 411 -27.76 -18.00 -33.74
N SER A 412 -28.04 -19.17 -33.18
CA SER A 412 -29.31 -19.85 -33.37
C SER A 412 -30.07 -20.03 -32.07
N THR A 413 -29.44 -20.65 -31.06
CA THR A 413 -30.09 -20.88 -29.79
C THR A 413 -29.03 -21.13 -28.73
N CYS A 414 -29.43 -21.01 -27.47
CA CYS A 414 -28.55 -21.20 -26.33
C CYS A 414 -28.94 -22.46 -25.58
N THR A 415 -27.96 -23.33 -25.34
CA THR A 415 -28.14 -24.47 -24.45
C THR A 415 -27.79 -24.02 -23.04
N LYS A 416 -28.77 -24.06 -22.14
CA LYS A 416 -28.61 -23.50 -20.80
C LYS A 416 -27.95 -24.53 -19.87
N ARG A 417 -26.83 -25.08 -20.33
CA ARG A 417 -26.10 -26.03 -19.52
C ARG A 417 -25.59 -25.34 -18.27
N VAL A 418 -25.53 -26.11 -17.18
CA VAL A 418 -25.08 -25.53 -15.91
C VAL A 418 -23.72 -24.90 -16.10
N VAL A 419 -23.55 -23.69 -15.57
CA VAL A 419 -22.29 -22.96 -15.65
C VAL A 419 -21.79 -22.71 -14.25
N TYR A 420 -20.48 -22.65 -14.10
CA TYR A 420 -19.84 -22.38 -12.82
C TYR A 420 -18.91 -21.19 -12.96
N PRO A 421 -18.70 -20.44 -11.88
CA PRO A 421 -17.83 -19.27 -11.98
C PRO A 421 -16.44 -19.56 -12.53
N TRP A 422 -15.83 -20.69 -12.13
CA TRP A 422 -14.47 -20.96 -12.58
C TRP A 422 -14.43 -21.29 -14.06
N GLN A 423 -15.48 -21.93 -14.59
CA GLN A 423 -15.54 -22.15 -16.03
C GLN A 423 -15.61 -20.82 -16.76
N LEU A 424 -16.39 -19.87 -16.24
CA LEU A 424 -16.41 -18.54 -16.84
C LEU A 424 -15.05 -17.88 -16.77
N LEU A 425 -14.30 -18.08 -15.69
CA LEU A 425 -12.95 -17.52 -15.64
C LEU A 425 -12.08 -18.14 -16.74
N GLU A 426 -12.13 -19.46 -16.88
CA GLU A 426 -11.32 -20.12 -17.89
C GLU A 426 -11.66 -19.60 -19.28
N GLU A 427 -12.94 -19.36 -19.54
CA GLU A 427 -13.36 -18.87 -20.85
C GLU A 427 -13.10 -17.39 -21.03
N ILE A 428 -13.21 -16.60 -19.96
CA ILE A 428 -13.07 -15.14 -20.04
C ILE A 428 -11.62 -14.73 -20.16
N TRP A 429 -10.69 -15.54 -19.68
CA TRP A 429 -9.28 -15.19 -19.83
C TRP A 429 -8.83 -15.15 -21.29
N LYS A 430 -9.72 -15.37 -22.25
CA LYS A 430 -9.33 -15.29 -23.67
C LYS A 430 -10.56 -14.89 -24.48
N VAL A 431 -10.63 -13.60 -24.84
CA VAL A 431 -11.70 -13.07 -25.66
C VAL A 431 -11.09 -12.13 -26.69
N ASN A 432 -11.59 -12.21 -27.92
CA ASN A 432 -11.10 -11.35 -29.00
C ASN A 432 -12.33 -10.93 -29.80
N PHE A 433 -12.81 -9.72 -29.54
CA PHE A 433 -13.96 -9.19 -30.23
C PHE A 433 -13.79 -7.68 -30.39
N THR A 434 -14.51 -7.13 -31.36
CA THR A 434 -14.48 -5.69 -31.64
C THR A 434 -15.71 -5.05 -31.03
N LEU A 435 -15.52 -4.23 -30.00
CA LEU A 435 -16.60 -3.53 -29.32
C LEU A 435 -16.46 -2.05 -29.59
N LEU A 436 -17.35 -1.51 -30.42
CA LEU A 436 -17.34 -0.09 -30.74
C LEU A 436 -15.99 0.33 -31.33
N ASP A 437 -15.50 -0.47 -32.28
CA ASP A 437 -14.20 -0.23 -32.87
C ASP A 437 -13.11 -0.24 -31.79
N HIS A 438 -12.96 -1.41 -31.17
CA HIS A 438 -11.91 -1.62 -30.18
C HIS A 438 -11.77 -3.12 -29.93
N GLN A 439 -10.54 -3.61 -29.98
CA GLN A 439 -10.28 -5.03 -29.76
C GLN A 439 -10.12 -5.29 -28.27
N ILE A 440 -11.03 -6.09 -27.71
CA ILE A 440 -11.04 -6.37 -26.29
C ILE A 440 -10.41 -7.75 -26.07
N PHE A 441 -9.35 -7.77 -25.28
CA PHE A 441 -8.62 -9.00 -25.00
C PHE A 441 -7.69 -8.72 -23.84
N PHE A 442 -7.49 -9.71 -22.98
CA PHE A 442 -6.70 -9.54 -21.77
C PHE A 442 -5.30 -10.10 -21.99
N ASP A 443 -4.30 -9.35 -21.56
CA ASP A 443 -2.95 -9.87 -21.53
C ASP A 443 -2.80 -10.85 -20.37
N PRO A 444 -1.80 -11.75 -20.42
CA PRO A 444 -1.71 -12.79 -19.40
C PRO A 444 -1.82 -12.28 -17.97
N GLN A 445 -1.44 -11.03 -17.71
CA GLN A 445 -1.58 -10.45 -16.40
C GLN A 445 -2.96 -9.86 -16.16
N GLY A 446 -3.95 -10.25 -16.97
CA GLY A 446 -5.33 -9.86 -16.73
C GLY A 446 -5.63 -8.38 -16.80
N ASP A 447 -5.13 -7.70 -17.84
CA ASP A 447 -5.38 -6.27 -18.01
C ASP A 447 -5.44 -5.99 -19.50
N VAL A 448 -6.63 -5.63 -20.00
CA VAL A 448 -6.74 -5.30 -21.41
C VAL A 448 -6.00 -4.00 -21.67
N ALA A 449 -5.77 -3.72 -22.94
CA ALA A 449 -5.09 -2.51 -23.38
C ALA A 449 -6.13 -1.54 -23.93
N LEU A 450 -6.56 -0.62 -23.08
CA LEU A 450 -7.34 0.54 -23.50
C LEU A 450 -6.44 1.77 -23.48
N HIS A 451 -6.71 2.69 -24.41
CA HIS A 451 -5.82 3.82 -24.63
C HIS A 451 -5.96 4.84 -23.51
N LEU A 452 -4.88 5.02 -22.75
CA LEU A 452 -4.82 6.15 -21.86
C LEU A 452 -4.73 7.43 -22.66
N GLU A 453 -5.10 8.53 -22.05
CA GLU A 453 -5.18 9.81 -22.73
C GLU A 453 -4.78 10.92 -21.77
N ILE A 454 -4.40 12.06 -22.33
CA ILE A 454 -4.04 13.25 -21.57
C ILE A 454 -5.13 14.28 -21.78
N VAL A 455 -5.61 14.88 -20.69
CA VAL A 455 -6.72 15.82 -20.74
C VAL A 455 -6.26 17.15 -20.14
N GLN A 456 -6.38 18.22 -20.91
CA GLN A 456 -6.17 19.57 -20.40
C GLN A 456 -7.51 20.16 -20.00
N TRP A 457 -7.49 21.04 -19.02
CA TRP A 457 -8.70 21.56 -18.40
C TRP A 457 -9.06 22.90 -19.04
N GLN A 458 -10.12 22.90 -19.85
CA GLN A 458 -10.65 24.11 -20.45
C GLN A 458 -11.83 24.60 -19.61
N TRP A 459 -11.68 25.78 -19.02
CA TRP A 459 -12.67 26.30 -18.09
C TRP A 459 -13.95 26.75 -18.77
N ASP A 460 -13.88 27.16 -20.04
CA ASP A 460 -15.05 27.70 -20.72
C ASP A 460 -16.24 26.78 -20.56
N ARG A 461 -17.37 27.36 -20.13
CA ARG A 461 -18.56 26.56 -19.88
C ARG A 461 -19.16 26.01 -21.16
N SER A 462 -18.73 26.49 -22.32
CA SER A 462 -19.40 26.16 -23.57
C SER A 462 -19.48 24.65 -23.78
N GLN A 463 -18.33 24.00 -23.90
CA GLN A 463 -18.31 22.58 -24.20
C GLN A 463 -16.91 22.03 -23.94
N ASN A 464 -16.83 20.70 -23.84
CA ASN A 464 -15.57 20.01 -23.60
C ASN A 464 -14.83 20.61 -22.41
N PRO A 465 -15.28 20.35 -21.18
CA PRO A 465 -14.47 20.75 -20.02
C PRO A 465 -13.18 19.96 -19.89
N PHE A 466 -13.03 18.89 -20.66
CA PHE A 466 -11.81 18.09 -20.72
C PHE A 466 -11.45 17.92 -22.18
N GLN A 467 -10.22 18.29 -22.54
CA GLN A 467 -9.79 18.29 -23.94
C GLN A 467 -8.74 17.20 -24.13
N SER A 468 -8.99 16.31 -25.09
CA SER A 468 -8.12 15.17 -25.35
C SER A 468 -6.85 15.66 -26.03
N VAL A 469 -5.77 15.78 -25.27
CA VAL A 469 -4.55 16.38 -25.80
C VAL A 469 -3.58 15.34 -26.33
N ALA A 470 -3.26 14.31 -25.55
CA ALA A 470 -2.26 13.33 -25.95
C ALA A 470 -2.83 11.93 -25.85
N SER A 471 -2.54 11.12 -26.86
CA SER A 471 -2.99 9.74 -26.93
C SER A 471 -1.83 8.81 -26.61
N TYR A 472 -2.05 7.90 -25.67
CA TYR A 472 -1.03 6.97 -25.22
C TYR A 472 -1.45 5.55 -25.59
N TYR A 473 -0.57 4.83 -26.26
CA TYR A 473 -0.88 3.50 -26.76
C TYR A 473 -0.29 2.47 -25.82
N PRO A 474 -1.10 1.68 -25.09
CA PRO A 474 -0.51 0.77 -24.10
C PRO A 474 0.49 -0.19 -24.70
N LEU A 475 0.10 -0.97 -25.71
CA LEU A 475 1.02 -1.95 -26.28
C LEU A 475 2.27 -1.29 -26.84
N GLN A 476 2.09 -0.24 -27.64
CA GLN A 476 3.22 0.45 -28.24
C GLN A 476 4.07 1.18 -27.21
N ARG A 477 3.49 1.51 -26.05
CA ARG A 477 4.23 2.18 -24.98
C ARG A 477 4.81 3.51 -25.46
N GLN A 478 4.05 4.23 -26.27
CA GLN A 478 4.51 5.49 -26.84
C GLN A 478 3.42 6.54 -26.71
N LEU A 479 3.77 7.78 -27.05
CA LEU A 479 2.89 8.93 -26.93
C LEU A 479 2.79 9.63 -28.28
N LYS A 480 1.56 9.92 -28.72
CA LYS A 480 1.34 10.44 -30.05
C LYS A 480 0.12 11.36 -30.05
N ASN A 481 0.02 12.17 -31.10
CA ASN A 481 -1.10 13.08 -31.30
C ASN A 481 -1.22 14.00 -30.08
N ILE A 482 -0.21 14.84 -29.93
CA ILE A 482 -0.13 15.82 -28.85
C ILE A 482 -0.73 17.10 -29.41
N GLN A 483 -2.04 17.24 -29.32
CA GLN A 483 -2.70 18.41 -29.89
C GLN A 483 -2.19 19.68 -29.22
N ASP A 484 -2.05 20.73 -30.02
CA ASP A 484 -1.56 22.00 -29.51
C ASP A 484 -2.31 22.35 -28.23
N ILE A 485 -1.57 22.45 -27.15
CA ILE A 485 -2.14 22.63 -25.83
C ILE A 485 -1.94 24.06 -25.37
N SER A 486 -3.01 24.67 -24.85
CA SER A 486 -2.94 26.03 -24.34
C SER A 486 -2.14 26.07 -23.05
N TRP A 487 -1.45 27.17 -22.85
CA TRP A 487 -0.55 27.34 -21.72
C TRP A 487 -0.85 28.64 -21.01
N HIS A 488 -0.46 28.72 -19.74
CA HIS A 488 -0.69 29.93 -18.98
C HIS A 488 0.36 31.00 -19.23
N THR A 489 1.36 30.71 -20.06
CA THR A 489 2.48 31.61 -20.22
C THR A 489 2.08 32.86 -21.00
N ILE A 490 3.03 33.80 -21.10
CA ILE A 490 2.76 35.10 -21.71
C ILE A 490 2.70 35.05 -23.23
N ASN A 491 3.13 33.96 -23.84
CA ASN A 491 3.08 33.84 -25.29
C ASN A 491 2.63 32.45 -25.71
N ASN A 492 1.94 31.72 -24.83
CA ASN A 492 1.54 30.35 -25.07
C ASN A 492 2.75 29.42 -25.16
N THR A 493 3.93 29.91 -24.81
CA THR A 493 5.13 29.08 -24.88
C THR A 493 5.04 27.94 -23.87
N ILE A 494 5.87 26.92 -24.11
CA ILE A 494 5.88 25.75 -23.25
C ILE A 494 6.59 26.14 -21.96
N PRO A 495 5.94 26.04 -20.79
CA PRO A 495 6.62 26.46 -19.55
C PRO A 495 7.82 25.60 -19.25
N MET A 496 9.01 26.22 -19.27
CA MET A 496 10.22 25.48 -18.98
C MET A 496 10.29 25.15 -17.49
N SER A 497 10.75 23.93 -17.19
CA SER A 497 10.99 23.50 -15.81
C SER A 497 12.29 22.70 -15.80
N MET A 498 13.40 23.41 -15.58
CA MET A 498 14.72 22.81 -15.51
C MET A 498 15.45 23.37 -14.30
N CYS A 499 16.26 22.51 -13.67
CA CYS A 499 17.01 22.97 -12.51
C CYS A 499 18.00 24.07 -12.89
N SER A 500 18.70 23.90 -14.01
CA SER A 500 19.62 24.91 -14.48
C SER A 500 19.79 24.76 -15.99
N LYS A 501 20.01 25.89 -16.65
CA LYS A 501 20.07 25.91 -18.11
C LYS A 501 21.26 25.12 -18.61
N ARG A 502 21.06 24.39 -19.70
CA ARG A 502 22.09 23.54 -20.25
C ARG A 502 23.36 24.34 -20.52
N CYS A 503 24.49 23.75 -20.16
CA CYS A 503 25.77 24.45 -20.24
C CYS A 503 26.19 24.68 -21.68
N GLN A 504 26.80 25.82 -21.94
CA GLN A 504 27.23 26.20 -23.27
C GLN A 504 28.56 25.53 -23.62
N SER A 505 28.85 25.49 -24.92
CA SER A 505 30.10 24.92 -25.38
C SER A 505 31.27 25.67 -24.75
N GLY A 506 32.30 24.93 -24.38
CA GLY A 506 33.44 25.50 -23.68
C GLY A 506 33.25 25.62 -22.18
N GLN A 507 32.10 25.21 -21.66
CA GLN A 507 31.82 25.24 -20.22
C GLN A 507 31.52 23.82 -19.77
N LYS A 508 32.17 23.41 -18.68
CA LYS A 508 31.95 22.07 -18.15
C LYS A 508 30.71 22.07 -17.25
N LYS A 509 29.93 20.99 -17.34
CA LYS A 509 28.68 20.88 -16.58
C LYS A 509 28.92 20.04 -15.33
N LYS A 510 29.65 20.63 -14.40
CA LYS A 510 29.96 19.94 -13.16
C LYS A 510 28.67 19.72 -12.36
N PRO A 511 28.36 18.50 -11.95
CA PRO A 511 27.13 18.28 -11.19
C PRO A 511 27.17 18.96 -9.83
N VAL A 512 26.01 19.40 -9.38
CA VAL A 512 25.86 20.03 -8.08
C VAL A 512 24.63 19.44 -7.39
N GLY A 513 24.76 19.10 -6.12
CA GLY A 513 23.64 18.56 -5.39
C GLY A 513 23.41 17.09 -5.67
N ILE A 514 22.24 16.61 -5.24
CA ILE A 514 21.94 15.19 -5.30
C ILE A 514 21.75 14.77 -6.75
N HIS A 515 20.83 15.43 -7.45
CA HIS A 515 20.28 14.90 -8.68
C HIS A 515 21.15 15.25 -9.88
N VAL A 516 21.07 14.42 -10.91
CA VAL A 516 21.87 14.61 -12.12
C VAL A 516 21.30 15.68 -13.03
N CYS A 517 20.15 16.25 -12.69
CA CYS A 517 19.53 17.31 -13.48
C CYS A 517 20.00 18.70 -13.07
N CYS A 518 20.90 18.80 -12.10
CA CYS A 518 21.41 20.07 -11.61
C CYS A 518 22.90 20.17 -11.91
N PHE A 519 23.30 21.24 -12.60
CA PHE A 519 24.71 21.46 -12.88
C PHE A 519 24.94 22.95 -13.08
N GLU A 520 26.12 23.40 -12.68
CA GLU A 520 26.55 24.78 -12.85
C GLU A 520 27.73 24.79 -13.80
N CYS A 521 27.78 25.80 -14.67
CA CYS A 521 28.62 25.76 -15.86
C CYS A 521 29.94 26.47 -15.61
N ILE A 522 30.95 25.72 -15.18
CA ILE A 522 32.31 26.24 -15.08
C ILE A 522 32.89 26.35 -16.47
N ASP A 523 33.58 27.45 -16.73
CA ASP A 523 34.39 27.57 -17.95
C ASP A 523 35.81 27.14 -17.65
N CYS A 524 36.15 25.93 -18.10
CA CYS A 524 37.42 25.34 -17.71
C CYS A 524 38.59 26.16 -18.24
N LEU A 525 39.72 26.08 -17.55
CA LEU A 525 40.75 27.10 -17.62
C LEU A 525 41.48 27.05 -18.96
N PRO A 526 42.29 28.07 -19.25
CA PRO A 526 43.03 28.09 -20.52
C PRO A 526 43.91 26.87 -20.66
N GLY A 527 44.07 26.41 -21.91
CA GLY A 527 44.76 25.18 -22.19
C GLY A 527 43.89 23.95 -22.02
N THR A 528 42.64 24.12 -21.61
CA THR A 528 41.70 23.03 -21.44
C THR A 528 40.48 23.26 -22.31
N PHE A 529 40.02 22.21 -22.97
CA PHE A 529 38.90 22.27 -23.89
C PHE A 529 37.81 21.31 -23.45
N LEU A 530 36.57 21.70 -23.71
CA LEU A 530 35.41 20.89 -23.32
C LEU A 530 35.34 19.68 -24.23
N ASN A 531 35.89 18.56 -23.77
CA ASN A 531 35.95 17.33 -24.56
C ASN A 531 34.55 16.70 -24.61
N HIS A 532 33.65 17.42 -25.30
CA HIS A 532 32.27 16.97 -25.38
C HIS A 532 32.15 15.60 -26.03
N THR A 533 33.16 15.20 -26.81
CA THR A 533 33.08 13.90 -27.49
C THR A 533 33.04 12.76 -26.50
N GLU A 534 33.85 12.82 -25.44
CA GLU A 534 33.97 11.71 -24.50
C GLU A 534 33.31 12.01 -23.17
N ASP A 535 33.64 13.14 -22.54
CA ASP A 535 33.11 13.47 -21.23
C ASP A 535 32.74 14.95 -21.21
N GLU A 536 31.59 15.26 -20.59
CA GLU A 536 31.12 16.63 -20.44
C GLU A 536 31.15 17.10 -19.00
N TYR A 537 30.97 16.21 -18.03
CA TYR A 537 30.99 16.60 -16.63
C TYR A 537 32.35 17.09 -16.17
N GLU A 538 33.40 16.85 -16.96
CA GLU A 538 34.76 17.25 -16.65
C GLU A 538 35.39 17.87 -17.89
N CYS A 539 36.29 18.83 -17.69
CA CYS A 539 37.05 19.41 -18.79
C CYS A 539 38.47 18.86 -18.75
N GLN A 540 39.00 18.49 -19.91
CA GLN A 540 40.35 17.98 -20.04
C GLN A 540 41.17 18.88 -20.94
N ALA A 541 42.49 18.70 -20.88
CA ALA A 541 43.41 19.52 -21.65
C ALA A 541 43.62 18.94 -23.03
N CYS A 542 43.52 19.80 -24.05
CA CYS A 542 43.76 19.35 -25.41
C CYS A 542 45.24 19.07 -25.59
N PRO A 543 45.64 17.85 -25.97
CA PRO A 543 47.07 17.55 -26.09
C PRO A 543 47.67 18.04 -27.40
N ASN A 544 48.94 17.70 -27.63
CA ASN A 544 49.63 18.06 -28.87
C ASN A 544 49.75 19.58 -28.98
N ASN A 545 50.08 20.06 -30.18
CA ASN A 545 50.30 21.48 -30.38
C ASN A 545 49.08 22.34 -30.09
N GLU A 546 47.88 21.75 -30.12
CA GLU A 546 46.67 22.51 -29.84
C GLU A 546 46.71 23.02 -28.40
N TRP A 547 46.36 24.29 -28.22
CA TRP A 547 46.35 24.91 -26.91
C TRP A 547 45.19 25.90 -26.85
N SER A 548 44.13 25.54 -26.13
CA SER A 548 42.91 26.32 -26.08
C SER A 548 43.02 27.40 -25.01
N TYR A 549 41.92 28.11 -24.78
CA TYR A 549 41.87 29.19 -23.80
C TYR A 549 40.54 29.06 -23.06
N GLN A 550 40.15 30.10 -22.34
CA GLN A 550 38.88 30.09 -21.65
C GLN A 550 37.76 29.79 -22.63
N SER A 551 36.88 28.88 -22.26
CA SER A 551 35.80 28.41 -23.16
C SER A 551 36.48 27.88 -24.43
N GLU A 552 35.90 28.09 -25.61
CA GLU A 552 36.51 27.69 -26.87
C GLU A 552 36.80 26.18 -26.88
N THR A 553 35.70 25.42 -26.87
CA THR A 553 35.81 23.96 -26.86
C THR A 553 36.68 23.46 -28.00
N SER A 554 36.62 24.10 -29.16
CA SER A 554 37.44 23.70 -30.31
C SER A 554 38.88 24.09 -30.03
N CYS A 555 39.66 23.17 -29.49
CA CYS A 555 41.04 23.47 -29.15
C CYS A 555 41.87 23.67 -30.41
N PHE A 556 42.52 24.83 -30.51
CA PHE A 556 43.30 25.18 -31.68
C PHE A 556 44.42 24.18 -31.93
N PRO B 30 2.88 -43.30 15.44
CA PRO B 30 3.07 -41.89 15.08
C PRO B 30 2.44 -40.92 16.08
N LEU B 31 3.01 -39.73 16.22
CA LEU B 31 2.47 -38.75 17.13
C LEU B 31 1.05 -38.38 16.71
N CYS B 32 0.21 -38.09 17.71
CA CYS B 32 -1.22 -37.91 17.50
C CYS B 32 -1.61 -36.53 18.01
N LEU B 33 -1.79 -35.60 17.08
CA LEU B 33 -2.07 -34.20 17.40
C LEU B 33 -3.28 -33.61 16.69
N SER B 34 -3.71 -34.20 15.56
CA SER B 34 -4.88 -33.68 14.86
C SER B 34 -6.12 -33.73 15.74
N GLN B 35 -6.29 -34.82 16.50
CA GLN B 35 -7.44 -34.93 17.38
C GLN B 35 -7.44 -33.84 18.44
N GLN B 36 -6.25 -33.53 18.98
CA GLN B 36 -6.15 -32.57 20.06
C GLN B 36 -6.02 -31.13 19.58
N LEU B 37 -6.00 -30.90 18.26
CA LEU B 37 -6.09 -29.49 17.83
C LEU B 37 -7.50 -28.89 18.02
N ARG B 38 -8.44 -29.50 18.73
CA ARG B 38 -9.74 -28.88 18.98
C ARG B 38 -10.32 -29.42 20.27
N MET B 39 -11.01 -28.54 21.01
CA MET B 39 -11.75 -28.93 22.21
C MET B 39 -13.11 -28.27 22.19
N LYS B 40 -14.11 -28.98 22.73
CA LYS B 40 -15.48 -28.49 22.66
C LYS B 40 -15.67 -27.25 23.53
N GLY B 41 -15.21 -27.30 24.77
CA GLY B 41 -15.40 -26.17 25.66
C GLY B 41 -16.83 -25.67 25.61
N ASP B 42 -17.01 -24.39 25.93
CA ASP B 42 -18.30 -23.73 25.81
C ASP B 42 -18.26 -22.59 24.80
N TYR B 43 -17.34 -21.64 24.96
CA TYR B 43 -17.17 -20.53 24.04
C TYR B 43 -15.89 -20.79 23.24
N VAL B 44 -16.06 -21.30 22.03
CA VAL B 44 -14.92 -21.63 21.19
C VAL B 44 -14.19 -20.37 20.77
N LEU B 45 -12.87 -20.46 20.67
CA LEU B 45 -12.04 -19.39 20.14
C LEU B 45 -11.42 -19.86 18.83
N GLY B 46 -11.39 -18.98 17.83
CA GLY B 46 -10.76 -19.31 16.58
C GLY B 46 -9.24 -19.33 16.68
N GLY B 47 -8.63 -19.93 15.66
CA GLY B 47 -7.19 -19.90 15.54
C GLY B 47 -6.74 -20.03 14.11
N LEU B 48 -5.91 -19.09 13.66
CA LEU B 48 -5.34 -19.11 12.32
C LEU B 48 -3.83 -19.05 12.48
N PHE B 49 -3.17 -20.21 12.42
CA PHE B 49 -1.73 -20.29 12.62
C PHE B 49 -1.07 -20.99 11.44
N PRO B 50 0.22 -20.74 11.19
CA PRO B 50 0.87 -21.37 10.03
C PRO B 50 1.50 -22.72 10.40
N LEU B 51 0.66 -23.66 10.80
CA LEU B 51 1.19 -24.97 11.17
C LEU B 51 1.93 -25.61 10.01
N GLY B 52 1.41 -25.44 8.80
CA GLY B 52 2.07 -25.93 7.62
C GLY B 52 2.12 -24.85 6.56
N GLU B 53 3.30 -24.71 5.95
CA GLU B 53 3.57 -23.64 5.00
C GLU B 53 3.49 -24.20 3.58
N ALA B 54 2.83 -23.46 2.70
CA ALA B 54 2.50 -23.96 1.37
C ALA B 54 3.73 -24.07 0.49
N GLU B 55 3.87 -25.20 -0.20
CA GLU B 55 4.95 -25.38 -1.15
C GLU B 55 4.78 -24.42 -2.33
N GLU B 56 5.89 -23.94 -2.84
CA GLU B 56 5.88 -22.99 -3.96
C GLU B 56 5.91 -23.72 -5.31
N ALA B 57 4.97 -24.63 -5.50
CA ALA B 57 4.87 -25.39 -6.75
C ALA B 57 3.54 -25.18 -7.46
N GLY B 58 2.42 -25.42 -6.78
CA GLY B 58 1.11 -25.40 -7.39
C GLY B 58 0.27 -24.17 -7.13
N LEU B 59 0.84 -23.14 -6.51
CA LEU B 59 0.07 -21.92 -6.25
C LEU B 59 -0.33 -21.24 -7.56
N ARG B 60 0.58 -21.20 -8.53
CA ARG B 60 0.30 -20.47 -9.77
C ARG B 60 -0.84 -21.10 -10.55
N SER B 61 -0.87 -22.42 -10.65
CA SER B 61 -1.88 -23.10 -11.45
C SER B 61 -3.17 -23.23 -10.66
N ARG B 62 -4.24 -22.61 -11.16
CA ARG B 62 -5.55 -22.64 -10.49
C ARG B 62 -6.62 -22.80 -11.56
N THR B 63 -6.98 -24.05 -11.86
CA THR B 63 -8.06 -24.37 -12.77
C THR B 63 -9.21 -25.06 -12.06
N ARG B 64 -9.22 -25.05 -10.73
CA ARG B 64 -10.25 -25.72 -9.95
C ARG B 64 -10.45 -24.95 -8.66
N PRO B 65 -11.65 -24.47 -8.37
CA PRO B 65 -11.82 -23.63 -7.18
C PRO B 65 -11.59 -24.41 -5.90
N SER B 66 -10.49 -24.12 -5.24
CA SER B 66 -10.13 -24.78 -3.98
C SER B 66 -8.87 -24.11 -3.46
N SER B 67 -8.43 -24.55 -2.29
CA SER B 67 -7.18 -24.07 -1.73
C SER B 67 -6.14 -25.18 -1.74
N PRO B 68 -4.95 -24.94 -2.28
CA PRO B 68 -3.96 -26.01 -2.39
C PRO B 68 -3.65 -26.59 -1.02
N VAL B 69 -3.49 -27.91 -0.97
CA VAL B 69 -3.22 -28.56 0.30
C VAL B 69 -1.89 -28.06 0.86
N CYS B 70 -1.73 -28.19 2.16
CA CYS B 70 -0.48 -27.86 2.85
C CYS B 70 -0.03 -29.11 3.58
N THR B 71 0.67 -29.99 2.86
CA THR B 71 1.16 -31.22 3.46
C THR B 71 2.48 -31.02 4.19
N ARG B 72 3.17 -29.91 3.94
CA ARG B 72 4.44 -29.68 4.59
C ARG B 72 4.23 -29.22 6.03
N PHE B 73 5.32 -29.21 6.80
CA PHE B 73 5.28 -28.94 8.22
C PHE B 73 6.14 -27.73 8.53
N SER B 74 5.55 -26.77 9.25
CA SER B 74 6.25 -25.58 9.72
C SER B 74 6.32 -25.66 11.23
N SER B 75 7.53 -25.87 11.76
CA SER B 75 7.67 -26.13 13.20
C SER B 75 7.18 -24.96 14.04
N ASN B 76 7.53 -23.74 13.63
CA ASN B 76 7.15 -22.58 14.42
C ASN B 76 5.64 -22.45 14.51
N GLY B 77 4.93 -22.75 13.42
CA GLY B 77 3.48 -22.71 13.46
C GLY B 77 2.90 -23.65 14.49
N LEU B 78 3.43 -24.88 14.54
CA LEU B 78 2.92 -25.83 15.53
C LEU B 78 3.31 -25.42 16.94
N LEU B 79 4.49 -24.82 17.11
CA LEU B 79 4.81 -24.25 18.41
C LEU B 79 3.76 -23.23 18.83
N TRP B 80 3.34 -22.39 17.90
CA TRP B 80 2.31 -21.41 18.20
C TRP B 80 0.97 -22.07 18.53
N ALA B 81 0.61 -23.13 17.80
CA ALA B 81 -0.64 -23.82 18.09
C ALA B 81 -0.61 -24.40 19.49
N LEU B 82 0.50 -25.05 19.87
CA LEU B 82 0.64 -25.54 21.23
C LEU B 82 0.60 -24.39 22.23
N ALA B 83 1.09 -23.22 21.85
CA ALA B 83 1.00 -22.06 22.73
C ALA B 83 -0.44 -21.68 23.00
N MET B 84 -1.26 -21.63 21.94
CA MET B 84 -2.67 -21.33 22.13
C MET B 84 -3.33 -22.39 23.00
N LYS B 85 -3.01 -23.65 22.75
CA LYS B 85 -3.59 -24.72 23.55
C LYS B 85 -3.21 -24.59 25.01
N MET B 86 -1.94 -24.24 25.29
CA MET B 86 -1.53 -24.06 26.67
C MET B 86 -2.29 -22.90 27.30
N ALA B 87 -2.46 -21.81 26.56
CA ALA B 87 -3.21 -20.68 27.11
C ALA B 87 -4.61 -21.12 27.52
N VAL B 88 -5.31 -21.80 26.61
CA VAL B 88 -6.69 -22.19 26.90
C VAL B 88 -6.71 -23.19 28.05
N GLU B 89 -5.75 -24.11 28.10
CA GLU B 89 -5.73 -25.07 29.19
C GLU B 89 -5.49 -24.37 30.52
N GLU B 90 -4.62 -23.36 30.52
CA GLU B 90 -4.31 -22.64 31.75
C GLU B 90 -5.53 -21.89 32.26
N ILE B 91 -6.27 -21.24 31.38
CA ILE B 91 -7.49 -20.57 31.86
C ILE B 91 -8.50 -21.60 32.33
N ASN B 92 -8.68 -22.69 31.57
CA ASN B 92 -9.66 -23.69 31.95
C ASN B 92 -9.36 -24.27 33.32
N ASN B 93 -8.10 -24.58 33.59
CA ASN B 93 -7.72 -25.10 34.91
C ASN B 93 -7.89 -24.02 35.97
N LYS B 94 -7.54 -22.78 35.66
CA LYS B 94 -7.68 -21.70 36.62
C LYS B 94 -9.14 -21.47 36.98
N SER B 95 -9.37 -21.11 38.25
CA SER B 95 -10.72 -20.93 38.76
C SER B 95 -11.24 -19.52 38.56
N ASP B 96 -10.40 -18.51 38.81
CA ASP B 96 -10.89 -17.14 38.82
C ASP B 96 -11.43 -16.71 37.45
N LEU B 97 -10.74 -17.08 36.37
CA LEU B 97 -11.14 -16.66 35.03
C LEU B 97 -12.22 -17.58 34.50
N LEU B 98 -13.31 -16.99 34.00
CA LEU B 98 -14.40 -17.73 33.40
C LEU B 98 -14.83 -18.91 34.27
N PRO B 99 -15.21 -18.66 35.52
CA PRO B 99 -15.61 -19.77 36.40
C PRO B 99 -16.83 -20.47 35.86
N GLY B 100 -16.84 -21.80 35.99
CA GLY B 100 -17.92 -22.58 35.43
C GLY B 100 -18.09 -22.34 33.95
N LEU B 101 -16.98 -22.21 33.22
CA LEU B 101 -17.03 -21.92 31.80
C LEU B 101 -15.71 -22.34 31.17
N ARG B 102 -15.78 -22.81 29.94
CA ARG B 102 -14.61 -23.31 29.23
C ARG B 102 -14.54 -22.67 27.85
N LEU B 103 -13.32 -22.60 27.31
CA LEU B 103 -13.09 -22.12 25.96
C LEU B 103 -12.56 -23.28 25.13
N GLY B 104 -13.02 -23.36 23.89
CA GLY B 104 -12.64 -24.44 22.99
C GLY B 104 -11.73 -23.92 21.90
N TYR B 105 -10.79 -24.76 21.49
CA TYR B 105 -9.88 -24.40 20.42
C TYR B 105 -10.59 -24.52 19.08
N ASP B 106 -10.10 -23.79 18.10
CA ASP B 106 -10.51 -23.99 16.72
C ASP B 106 -9.30 -23.80 15.81
N LEU B 107 -8.19 -24.43 16.16
CA LEU B 107 -6.97 -24.34 15.34
C LEU B 107 -7.29 -24.61 13.88
N PHE B 108 -6.86 -23.72 13.00
CA PHE B 108 -6.86 -23.95 11.57
C PHE B 108 -5.55 -23.47 10.98
N ASP B 109 -5.21 -24.01 9.84
CA ASP B 109 -3.98 -23.62 9.17
C ASP B 109 -4.20 -22.37 8.33
N THR B 110 -3.11 -21.68 8.04
CA THR B 110 -3.13 -20.52 7.16
C THR B 110 -2.16 -20.64 6.00
N CYS B 111 -1.01 -21.28 6.19
CA CYS B 111 0.02 -21.39 5.17
C CYS B 111 0.46 -20.03 4.65
N SER B 112 0.17 -18.97 5.40
CA SER B 112 0.58 -17.62 5.00
C SER B 112 0.06 -17.29 3.60
N GLU B 113 -1.12 -17.79 3.28
CA GLU B 113 -1.71 -17.56 1.96
C GLU B 113 -3.21 -17.35 2.14
N PRO B 114 -3.77 -16.22 1.71
CA PRO B 114 -5.19 -15.96 1.97
C PRO B 114 -6.13 -17.00 1.42
N VAL B 115 -5.84 -17.54 0.24
CA VAL B 115 -6.78 -18.49 -0.38
C VAL B 115 -6.96 -19.70 0.52
N VAL B 116 -5.89 -20.18 1.13
CA VAL B 116 -5.95 -21.34 2.01
C VAL B 116 -6.05 -20.94 3.48
N ALA B 117 -6.35 -19.66 3.75
CA ALA B 117 -6.50 -19.17 5.11
C ALA B 117 -7.79 -18.40 5.31
N MET B 118 -8.66 -18.35 4.30
CA MET B 118 -9.90 -17.61 4.39
C MET B 118 -11.13 -18.48 4.65
N LYS B 119 -11.26 -19.63 4.00
CA LYS B 119 -12.43 -20.46 4.23
C LYS B 119 -12.52 -20.88 5.70
N PRO B 120 -11.41 -21.07 6.41
CA PRO B 120 -11.54 -21.19 7.88
C PRO B 120 -12.21 -19.98 8.50
N SER B 121 -11.92 -18.78 8.00
CA SER B 121 -12.58 -17.59 8.53
C SER B 121 -14.09 -17.67 8.30
N LEU B 122 -14.50 -18.18 7.14
CA LEU B 122 -15.93 -18.37 6.90
C LEU B 122 -16.51 -19.40 7.85
N MET B 123 -15.78 -20.49 8.08
CA MET B 123 -16.19 -21.45 9.11
C MET B 123 -16.41 -20.78 10.45
N PHE B 124 -15.61 -19.76 10.77
CA PHE B 124 -15.72 -19.15 12.10
C PHE B 124 -16.99 -18.35 12.28
N LEU B 125 -17.77 -18.12 11.23
CA LEU B 125 -19.00 -17.35 11.32
C LEU B 125 -20.18 -18.10 10.71
N ALA B 126 -20.04 -19.39 10.46
CA ALA B 126 -21.09 -20.14 9.80
C ALA B 126 -22.36 -20.17 10.64
N LYS B 127 -22.30 -20.86 11.78
CA LYS B 127 -23.46 -20.98 12.67
C LYS B 127 -23.08 -21.86 13.86
N ALA B 128 -23.99 -21.99 14.81
CA ALA B 128 -23.79 -22.95 15.88
C ALA B 128 -24.06 -24.35 15.35
N GLY B 129 -23.03 -25.03 14.88
CA GLY B 129 -23.16 -26.37 14.32
C GLY B 129 -23.34 -26.42 12.81
N SER B 130 -24.30 -25.65 12.28
CA SER B 130 -24.54 -25.66 10.85
C SER B 130 -23.35 -25.07 10.09
N ARG B 131 -23.05 -25.65 8.94
CA ARG B 131 -21.87 -25.29 8.17
C ARG B 131 -22.14 -24.21 7.12
N ASP B 132 -23.35 -23.67 7.06
CA ASP B 132 -23.71 -22.66 6.08
C ASP B 132 -23.67 -21.29 6.74
N ILE B 133 -23.13 -20.31 6.02
CA ILE B 133 -23.03 -18.93 6.52
C ILE B 133 -24.03 -18.08 5.75
N ALA B 134 -24.91 -17.43 6.48
CA ALA B 134 -25.93 -16.59 5.87
C ALA B 134 -25.34 -15.25 5.42
N ALA B 135 -26.09 -14.55 4.58
CA ALA B 135 -25.65 -13.28 4.03
C ALA B 135 -26.63 -12.17 4.40
N TYR B 136 -27.06 -12.14 5.67
CA TYR B 136 -28.03 -11.14 6.09
C TYR B 136 -27.50 -9.73 5.85
N CYS B 137 -28.43 -8.78 5.74
CA CYS B 137 -28.04 -7.38 5.67
C CYS B 137 -27.33 -6.95 6.94
N ASN B 138 -27.84 -7.37 8.08
CA ASN B 138 -27.32 -6.99 9.39
C ASN B 138 -26.54 -8.16 10.00
N TYR B 139 -26.13 -7.96 11.25
CA TYR B 139 -25.38 -8.98 11.97
C TYR B 139 -25.87 -9.15 13.42
N THR B 140 -26.80 -8.33 13.89
CA THR B 140 -27.19 -8.40 15.29
C THR B 140 -27.81 -9.75 15.61
N GLN B 141 -28.67 -10.27 14.73
CA GLN B 141 -29.29 -11.57 14.96
C GLN B 141 -28.33 -12.73 14.75
N TYR B 142 -27.13 -12.48 14.21
CA TYR B 142 -26.17 -13.55 14.03
C TYR B 142 -25.72 -14.11 15.37
N GLN B 143 -25.58 -15.43 15.43
CA GLN B 143 -25.03 -16.13 16.60
C GLN B 143 -23.87 -16.98 16.11
N PRO B 144 -22.65 -16.45 16.09
CA PRO B 144 -21.55 -17.14 15.39
C PRO B 144 -21.01 -18.32 16.19
N ARG B 145 -20.24 -19.15 15.48
CA ARG B 145 -19.67 -20.35 16.08
C ARG B 145 -18.68 -20.00 17.18
N VAL B 146 -17.75 -19.10 16.90
CA VAL B 146 -16.70 -18.73 17.84
C VAL B 146 -16.97 -17.30 18.31
N LEU B 147 -16.13 -16.84 19.24
CA LEU B 147 -16.25 -15.49 19.77
C LEU B 147 -15.17 -14.55 19.24
N ALA B 148 -13.91 -14.89 19.47
CA ALA B 148 -12.80 -14.07 19.03
C ALA B 148 -11.83 -14.95 18.26
N VAL B 149 -11.40 -14.49 17.10
CA VAL B 149 -10.51 -15.25 16.23
C VAL B 149 -9.08 -14.79 16.50
N ILE B 150 -8.24 -15.69 17.00
CA ILE B 150 -6.86 -15.32 17.29
C ILE B 150 -6.18 -15.08 15.94
N GLY B 151 -5.99 -13.81 15.59
CA GLY B 151 -5.70 -13.41 14.24
C GLY B 151 -4.52 -14.12 13.63
N PRO B 152 -4.38 -14.01 12.31
CA PRO B 152 -3.22 -14.63 11.64
C PRO B 152 -1.93 -13.95 12.02
N HIS B 153 -0.83 -14.69 11.85
CA HIS B 153 0.50 -14.13 12.05
C HIS B 153 0.85 -13.14 10.94
N SER B 154 0.61 -13.53 9.70
CA SER B 154 0.93 -12.67 8.58
C SER B 154 0.14 -11.38 8.66
N SER B 155 0.80 -10.27 8.34
CA SER B 155 0.11 -9.00 8.31
C SER B 155 -0.80 -8.86 7.09
N GLU B 156 -0.42 -9.50 5.97
CA GLU B 156 -1.34 -9.55 4.84
C GLU B 156 -2.58 -10.36 5.19
N LEU B 157 -2.39 -11.51 5.83
CA LEU B 157 -3.54 -12.25 6.34
C LEU B 157 -4.28 -11.43 7.38
N ALA B 158 -3.55 -10.61 8.14
CA ALA B 158 -4.22 -9.71 9.07
C ALA B 158 -5.18 -8.78 8.32
N MET B 159 -4.72 -8.21 7.21
CA MET B 159 -5.60 -7.33 6.42
C MET B 159 -6.82 -8.08 5.92
N VAL B 160 -6.62 -9.26 5.34
CA VAL B 160 -7.74 -9.98 4.75
C VAL B 160 -8.76 -10.35 5.81
N THR B 161 -8.29 -10.98 6.89
CA THR B 161 -9.21 -11.39 7.95
C THR B 161 -9.84 -10.20 8.65
N GLY B 162 -9.12 -9.08 8.77
CA GLY B 162 -9.70 -7.90 9.38
C GLY B 162 -10.81 -7.32 8.52
N LYS B 163 -10.59 -7.25 7.21
CA LYS B 163 -11.65 -6.80 6.32
C LYS B 163 -12.85 -7.73 6.40
N PHE B 164 -12.61 -9.03 6.62
CA PHE B 164 -13.71 -9.97 6.75
C PHE B 164 -14.49 -9.76 8.04
N PHE B 165 -13.78 -9.73 9.17
CA PHE B 165 -14.42 -9.66 10.48
C PHE B 165 -14.85 -8.26 10.86
N SER B 166 -14.49 -7.25 10.07
CA SER B 166 -15.01 -5.91 10.33
C SER B 166 -16.52 -5.86 10.14
N PHE B 167 -17.02 -6.50 9.08
CA PHE B 167 -18.45 -6.49 8.83
C PHE B 167 -19.22 -7.23 9.92
N PHE B 168 -18.68 -8.34 10.41
CA PHE B 168 -19.34 -9.15 11.43
C PHE B 168 -18.98 -8.72 12.85
N LEU B 169 -18.07 -7.77 13.01
CA LEU B 169 -17.69 -7.27 14.34
C LEU B 169 -17.28 -8.42 15.25
N MET B 170 -16.40 -9.27 14.75
CA MET B 170 -15.82 -10.34 15.55
C MET B 170 -14.49 -9.89 16.13
N PRO B 171 -14.27 -9.97 17.44
CA PRO B 171 -12.95 -9.67 17.98
C PRO B 171 -11.89 -10.55 17.33
N GLN B 172 -10.79 -9.92 16.94
CA GLN B 172 -9.68 -10.63 16.31
C GLN B 172 -8.40 -10.10 16.92
N VAL B 173 -7.97 -10.70 18.02
CA VAL B 173 -6.69 -10.35 18.62
C VAL B 173 -5.62 -11.19 17.94
N SER B 174 -4.71 -10.53 17.26
CA SER B 174 -3.65 -11.18 16.50
C SER B 174 -2.37 -11.24 17.33
N TYR B 175 -1.35 -11.87 16.75
CA TYR B 175 -0.08 -12.05 17.44
C TYR B 175 1.12 -11.87 16.54
N GLY B 176 0.95 -11.50 15.28
CA GLY B 176 2.07 -11.22 14.41
C GLY B 176 1.94 -9.89 13.69
N ALA B 177 0.72 -9.37 13.61
CA ALA B 177 0.48 -8.16 12.84
C ALA B 177 1.28 -7.00 13.42
N SER B 178 1.92 -6.24 12.53
CA SER B 178 2.67 -5.07 12.95
C SER B 178 2.46 -3.87 12.05
N MET B 179 1.85 -4.01 10.88
CA MET B 179 1.69 -2.87 9.99
C MET B 179 0.70 -1.89 10.59
N GLU B 180 1.05 -0.61 10.57
CA GLU B 180 0.26 0.39 11.27
C GLU B 180 -1.13 0.55 10.67
N LEU B 181 -1.37 0.04 9.47
CA LEU B 181 -2.66 0.21 8.83
C LEU B 181 -3.80 -0.40 9.65
N LEU B 182 -3.50 -1.37 10.50
CA LEU B 182 -4.51 -2.02 11.33
C LEU B 182 -4.58 -1.38 12.71
N SER B 183 -4.85 -0.08 12.74
CA SER B 183 -4.84 0.66 14.00
C SER B 183 -6.22 1.20 14.38
N ALA B 184 -6.85 1.97 13.51
CA ALA B 184 -8.02 2.74 13.90
C ALA B 184 -9.31 2.01 13.56
N ARG B 185 -10.38 2.40 14.25
CA ARG B 185 -11.72 1.87 14.00
C ARG B 185 -12.29 2.51 12.73
N GLU B 186 -11.58 2.33 11.63
CA GLU B 186 -11.94 2.92 10.35
C GLU B 186 -12.42 1.85 9.37
N THR B 187 -11.59 0.84 9.13
CA THR B 187 -11.98 -0.34 8.38
C THR B 187 -11.73 -1.62 9.16
N PHE B 188 -11.09 -1.53 10.33
CA PHE B 188 -10.79 -2.68 11.18
C PHE B 188 -11.26 -2.35 12.58
N PRO B 189 -12.58 -2.28 12.79
CA PRO B 189 -13.09 -1.89 14.11
C PRO B 189 -12.70 -2.83 15.23
N SER B 190 -12.43 -4.10 14.93
CA SER B 190 -12.12 -5.10 15.95
C SER B 190 -10.84 -5.84 15.53
N PHE B 191 -9.69 -5.25 15.83
CA PHE B 191 -8.41 -5.87 15.55
C PHE B 191 -7.46 -5.65 16.71
N PHE B 192 -7.90 -5.98 17.92
CA PHE B 192 -7.12 -5.64 19.09
C PHE B 192 -5.89 -6.54 19.15
N ARG B 193 -4.87 -6.22 18.35
CA ARG B 193 -3.70 -7.06 18.21
C ARG B 193 -2.72 -6.90 19.36
N THR B 194 -1.82 -7.86 19.48
CA THR B 194 -0.61 -7.72 20.28
C THR B 194 0.52 -7.35 19.33
N VAL B 195 1.77 -7.41 19.80
CA VAL B 195 2.90 -7.08 18.92
C VAL B 195 2.78 -5.63 18.47
N PRO B 196 3.10 -4.64 19.30
CA PRO B 196 2.80 -3.25 18.96
C PRO B 196 3.28 -2.88 17.57
N SER B 197 2.51 -2.02 16.92
CA SER B 197 2.70 -1.76 15.50
C SER B 197 4.06 -1.14 15.22
N ASP B 198 4.37 -1.02 13.94
CA ASP B 198 5.61 -0.37 13.54
C ASP B 198 5.63 1.10 13.92
N ARG B 199 4.46 1.66 14.23
CA ARG B 199 4.40 3.08 14.59
C ARG B 199 5.23 3.37 15.84
N VAL B 200 5.18 2.48 16.83
CA VAL B 200 5.85 2.76 18.09
C VAL B 200 7.36 2.68 17.92
N GLN B 201 7.86 1.65 17.24
CA GLN B 201 9.30 1.54 17.03
C GLN B 201 9.80 2.63 16.08
N LEU B 202 8.95 3.09 15.16
CA LEU B 202 9.38 4.15 14.27
C LEU B 202 9.39 5.51 14.97
N THR B 203 8.43 5.75 15.86
CA THR B 203 8.55 6.91 16.74
C THR B 203 9.83 6.82 17.56
N ALA B 204 10.14 5.63 18.06
CA ALA B 204 11.35 5.46 18.85
C ALA B 204 12.59 5.79 18.03
N ALA B 205 12.63 5.32 16.78
CA ALA B 205 13.78 5.60 15.93
C ALA B 205 13.88 7.06 15.58
N ALA B 206 12.75 7.72 15.31
CA ALA B 206 12.78 9.14 15.03
C ALA B 206 13.28 9.91 16.23
N GLU B 207 12.88 9.50 17.43
CA GLU B 207 13.41 10.12 18.63
C GLU B 207 14.91 9.87 18.76
N LEU B 208 15.36 8.66 18.45
CA LEU B 208 16.80 8.38 18.47
C LEU B 208 17.54 9.35 17.56
N LEU B 209 17.08 9.49 16.32
CA LEU B 209 17.72 10.41 15.40
C LEU B 209 17.65 11.83 15.92
N GLN B 210 16.55 12.20 16.57
CA GLN B 210 16.40 13.58 17.02
C GLN B 210 17.38 13.91 18.13
N GLU B 211 17.46 13.06 19.17
CA GLU B 211 18.39 13.37 20.26
C GLU B 211 19.83 13.23 19.81
N PHE B 212 20.15 12.23 19.00
CA PHE B 212 21.52 12.06 18.51
C PHE B 212 21.90 13.09 17.47
N GLY B 213 21.07 14.10 17.25
CA GLY B 213 21.41 15.20 16.37
C GLY B 213 21.28 14.90 14.89
N TRP B 214 20.80 13.72 14.53
CA TRP B 214 20.73 13.32 13.13
C TRP B 214 19.44 13.87 12.52
N ASN B 215 19.58 14.64 11.45
CA ASN B 215 18.44 15.07 10.66
C ASN B 215 18.64 14.88 9.17
N TRP B 216 19.87 14.78 8.69
CA TRP B 216 20.14 14.46 7.29
C TRP B 216 20.19 12.95 7.09
N VAL B 217 19.12 12.28 7.57
CA VAL B 217 19.04 10.83 7.53
C VAL B 217 18.53 10.37 6.18
N ALA B 218 19.11 9.31 5.66
CA ALA B 218 18.70 8.69 4.40
C ALA B 218 17.95 7.40 4.72
N ALA B 219 16.67 7.53 5.05
CA ALA B 219 15.88 6.37 5.45
C ALA B 219 15.76 5.38 4.30
N LEU B 220 15.67 4.10 4.66
CA LEU B 220 15.57 3.02 3.67
C LEU B 220 14.58 1.97 4.17
N GLY B 221 13.98 1.26 3.21
CA GLY B 221 13.01 0.23 3.54
C GLY B 221 13.01 -0.88 2.52
N SER B 222 12.29 -1.94 2.82
CA SER B 222 12.20 -3.08 1.89
C SER B 222 11.18 -2.80 0.80
N ASP B 223 11.41 -3.42 -0.37
CA ASP B 223 10.54 -3.19 -1.51
C ASP B 223 9.16 -3.79 -1.32
N ASP B 224 9.00 -4.74 -0.42
CA ASP B 224 7.69 -5.31 -0.13
C ASP B 224 6.84 -4.29 0.60
N GLU B 225 5.63 -4.70 0.99
CA GLU B 225 4.71 -3.78 1.65
C GLU B 225 5.19 -3.40 3.04
N TYR B 226 5.92 -4.27 3.72
CA TYR B 226 6.39 -3.96 5.06
C TYR B 226 7.25 -2.71 5.06
N GLY B 227 8.27 -2.69 4.21
CA GLY B 227 9.12 -1.51 4.12
C GLY B 227 8.38 -0.29 3.62
N ARG B 228 7.44 -0.49 2.68
CA ARG B 228 6.68 0.63 2.15
C ARG B 228 5.92 1.35 3.26
N GLN B 229 5.16 0.59 4.04
CA GLN B 229 4.40 1.19 5.12
C GLN B 229 5.31 1.79 6.17
N GLY B 230 6.40 1.09 6.51
CA GLY B 230 7.34 1.64 7.47
C GLY B 230 7.90 2.97 7.02
N LEU B 231 8.22 3.09 5.73
CA LEU B 231 8.85 4.31 5.23
C LEU B 231 7.86 5.44 5.11
N SER B 232 6.60 5.15 4.75
CA SER B 232 5.59 6.20 4.78
C SER B 232 5.40 6.72 6.20
N ILE B 233 5.29 5.80 7.16
CA ILE B 233 5.15 6.20 8.55
C ILE B 233 6.34 7.04 8.96
N PHE B 234 7.55 6.63 8.56
CA PHE B 234 8.73 7.36 8.98
C PHE B 234 8.84 8.71 8.29
N SER B 235 8.39 8.82 7.04
CA SER B 235 8.35 10.12 6.41
C SER B 235 7.52 11.09 7.24
N ALA B 236 6.29 10.68 7.55
CA ALA B 236 5.45 11.54 8.39
C ALA B 236 6.12 11.84 9.72
N LEU B 237 6.59 10.81 10.41
CA LEU B 237 7.11 10.97 11.76
C LEU B 237 8.35 11.85 11.78
N ALA B 238 9.29 11.56 10.89
CA ALA B 238 10.53 12.31 10.82
C ALA B 238 10.27 13.77 10.46
N ALA B 239 9.35 14.03 9.53
CA ALA B 239 8.99 15.42 9.26
C ALA B 239 8.46 16.09 10.52
N ALA B 240 7.61 15.38 11.27
CA ALA B 240 7.12 15.94 12.53
C ALA B 240 8.26 16.23 13.49
N ARG B 241 9.29 15.37 13.51
CA ARG B 241 10.38 15.49 14.46
C ARG B 241 11.47 16.45 14.02
N GLY B 242 11.37 17.02 12.82
CA GLY B 242 12.35 17.96 12.33
C GLY B 242 13.52 17.34 11.59
N ILE B 243 13.55 16.02 11.47
CA ILE B 243 14.62 15.32 10.79
C ILE B 243 14.11 14.91 9.41
N CYS B 244 14.68 15.48 8.36
CA CYS B 244 14.13 15.35 7.02
C CYS B 244 14.99 14.46 6.13
N ILE B 245 14.31 13.63 5.33
CA ILE B 245 14.96 12.56 4.60
C ILE B 245 15.91 13.12 3.55
N ALA B 246 16.93 12.34 3.23
CA ALA B 246 17.86 12.66 2.16
C ALA B 246 17.62 11.77 0.95
N HIS B 247 17.24 10.51 1.17
CA HIS B 247 16.88 9.61 0.09
C HIS B 247 15.92 8.57 0.66
N GLU B 248 14.64 8.71 0.34
CA GLU B 248 13.66 7.69 0.67
C GLU B 248 13.67 6.64 -0.44
N GLY B 249 14.37 5.53 -0.21
CA GLY B 249 14.49 4.49 -1.21
C GLY B 249 14.10 3.14 -0.65
N LEU B 250 13.85 2.20 -1.56
CA LEU B 250 13.47 0.84 -1.21
C LEU B 250 14.48 -0.14 -1.79
N VAL B 251 14.86 -1.12 -0.98
CA VAL B 251 15.82 -2.15 -1.39
C VAL B 251 15.04 -3.40 -1.73
N PRO B 252 15.17 -3.94 -2.95
CA PRO B 252 14.38 -5.13 -3.30
C PRO B 252 14.76 -6.34 -2.46
N LEU B 253 13.75 -7.16 -2.17
CA LEU B 253 14.01 -8.48 -1.62
C LEU B 253 14.66 -9.34 -2.70
N PRO B 254 15.50 -10.29 -2.32
CA PRO B 254 16.40 -10.90 -3.30
C PRO B 254 15.70 -11.69 -4.39
N ARG B 255 14.93 -12.71 -4.00
CA ARG B 255 14.38 -13.66 -4.97
C ARG B 255 15.45 -14.02 -5.99
N ALA B 256 15.29 -13.58 -7.24
CA ALA B 256 16.34 -13.63 -8.25
C ALA B 256 16.66 -12.19 -8.61
N ASP B 257 17.84 -11.71 -8.20
CA ASP B 257 18.06 -10.27 -8.15
C ASP B 257 18.33 -9.68 -9.53
N ASP B 258 19.47 -10.04 -10.13
CA ASP B 258 19.86 -9.51 -11.44
C ASP B 258 19.59 -8.01 -11.53
N SER B 259 18.52 -7.62 -12.23
CA SER B 259 18.15 -6.20 -12.29
C SER B 259 17.88 -5.66 -10.89
N ARG B 260 17.37 -6.48 -9.98
CA ARG B 260 17.22 -6.04 -8.60
C ARG B 260 18.58 -5.87 -7.92
N LEU B 261 19.59 -6.66 -8.32
CA LEU B 261 20.94 -6.41 -7.82
C LEU B 261 21.44 -5.07 -8.32
N GLY B 262 21.17 -4.74 -9.58
CA GLY B 262 21.50 -3.41 -10.06
C GLY B 262 20.77 -2.32 -9.30
N LYS B 263 19.51 -2.56 -8.97
CA LYS B 263 18.74 -1.61 -8.18
C LYS B 263 19.36 -1.43 -6.80
N VAL B 264 19.83 -2.51 -6.19
CA VAL B 264 20.50 -2.42 -4.90
C VAL B 264 21.77 -1.57 -5.04
N GLN B 265 22.54 -1.84 -6.09
CA GLN B 265 23.73 -1.04 -6.36
C GLN B 265 23.38 0.44 -6.45
N ASP B 266 22.33 0.75 -7.20
CA ASP B 266 21.93 2.15 -7.35
C ASP B 266 21.50 2.75 -6.03
N VAL B 267 20.76 1.98 -5.22
CA VAL B 267 20.25 2.52 -3.96
C VAL B 267 21.39 2.87 -3.03
N LEU B 268 22.33 1.94 -2.85
CA LEU B 268 23.47 2.25 -1.99
C LEU B 268 24.36 3.33 -2.60
N HIS B 269 24.46 3.38 -3.92
CA HIS B 269 25.23 4.46 -4.55
C HIS B 269 24.64 5.81 -4.20
N GLN B 270 23.32 5.95 -4.33
CA GLN B 270 22.70 7.22 -4.01
C GLN B 270 22.79 7.52 -2.51
N VAL B 271 22.69 6.49 -1.67
CA VAL B 271 22.87 6.69 -0.24
C VAL B 271 24.23 7.28 0.05
N ASN B 272 25.29 6.69 -0.52
CA ASN B 272 26.62 7.21 -0.30
C ASN B 272 26.76 8.62 -0.88
N GLN B 273 26.23 8.84 -2.08
CA GLN B 273 26.44 10.12 -2.75
C GLN B 273 25.61 11.23 -2.13
N SER B 274 24.64 10.87 -1.27
CA SER B 274 23.94 11.88 -0.48
C SER B 274 24.74 12.32 0.74
N SER B 275 25.84 11.64 1.05
CA SER B 275 26.77 12.08 2.08
C SER B 275 26.10 12.11 3.45
N VAL B 276 25.57 10.95 3.85
CA VAL B 276 24.94 10.78 5.15
C VAL B 276 25.77 9.79 5.97
N GLN B 277 25.32 9.56 7.20
CA GLN B 277 25.92 8.56 8.06
C GLN B 277 24.90 7.65 8.73
N VAL B 278 23.61 7.94 8.63
CA VAL B 278 22.55 7.10 9.16
C VAL B 278 21.67 6.67 8.01
N VAL B 279 21.36 5.38 7.96
CA VAL B 279 20.37 4.85 7.03
C VAL B 279 19.45 3.98 7.86
N LEU B 280 18.35 4.55 8.34
CA LEU B 280 17.34 3.74 9.00
C LEU B 280 16.78 2.75 8.00
N LEU B 281 17.08 1.47 8.21
CA LEU B 281 16.70 0.42 7.28
C LEU B 281 15.51 -0.31 7.88
N PHE B 282 14.32 0.04 7.43
CA PHE B 282 13.09 -0.67 7.83
C PHE B 282 12.75 -1.72 6.78
N ALA B 283 13.64 -2.69 6.66
CA ALA B 283 13.55 -3.73 5.65
C ALA B 283 13.46 -5.09 6.30
N SER B 284 12.79 -6.01 5.61
CA SER B 284 12.69 -7.37 6.10
C SER B 284 14.07 -8.00 6.17
N VAL B 285 14.13 -9.20 6.76
CA VAL B 285 15.42 -9.84 7.01
C VAL B 285 16.13 -10.11 5.69
N HIS B 286 15.41 -10.58 4.68
CA HIS B 286 16.04 -10.99 3.43
C HIS B 286 16.55 -9.79 2.65
N ALA B 287 15.78 -8.71 2.61
CA ALA B 287 16.26 -7.49 1.95
C ALA B 287 17.52 -6.98 2.63
N ALA B 288 17.56 -7.02 3.96
CA ALA B 288 18.77 -6.61 4.67
C ALA B 288 19.94 -7.51 4.32
N HIS B 289 19.71 -8.83 4.24
CA HIS B 289 20.78 -9.73 3.86
C HIS B 289 21.32 -9.38 2.48
N ALA B 290 20.42 -9.14 1.52
CA ALA B 290 20.87 -8.79 0.17
C ALA B 290 21.64 -7.48 0.17
N LEU B 291 21.13 -6.47 0.88
CA LEU B 291 21.80 -5.18 0.94
C LEU B 291 23.20 -5.32 1.50
N PHE B 292 23.33 -5.98 2.65
CA PHE B 292 24.63 -6.12 3.28
C PHE B 292 25.57 -6.99 2.46
N ASN B 293 25.04 -8.05 1.85
CA ASN B 293 25.87 -8.88 0.98
C ASN B 293 26.47 -8.05 -0.14
N TYR B 294 25.65 -7.26 -0.83
CA TYR B 294 26.18 -6.45 -1.91
C TYR B 294 27.16 -5.42 -1.39
N SER B 295 26.79 -4.74 -0.30
CA SER B 295 27.65 -3.70 0.23
C SER B 295 29.04 -4.24 0.56
N ILE B 296 29.10 -5.35 1.30
CA ILE B 296 30.39 -5.94 1.62
C ILE B 296 31.09 -6.37 0.34
N SER B 297 30.33 -6.94 -0.61
CA SER B 297 30.93 -7.35 -1.88
C SER B 297 31.54 -6.18 -2.64
N SER B 298 31.14 -4.95 -2.32
CA SER B 298 31.69 -3.76 -2.96
C SER B 298 32.37 -2.83 -1.97
N ARG B 299 32.60 -3.27 -0.73
CA ARG B 299 33.32 -2.49 0.27
C ARG B 299 32.74 -1.08 0.38
N LEU B 300 31.43 -1.01 0.54
CA LEU B 300 30.76 0.27 0.70
C LEU B 300 31.16 0.92 2.02
N SER B 301 31.07 2.25 2.04
CA SER B 301 31.54 3.00 3.19
C SER B 301 30.73 2.64 4.43
N PRO B 302 31.34 2.69 5.61
CA PRO B 302 30.59 2.42 6.85
C PRO B 302 29.62 3.54 7.18
N LYS B 303 28.57 3.19 7.91
CA LYS B 303 27.58 4.15 8.37
C LYS B 303 26.66 3.49 9.37
N VAL B 304 25.91 4.30 10.09
CA VAL B 304 24.99 3.80 11.10
C VAL B 304 23.74 3.28 10.42
N TRP B 305 23.21 2.16 10.93
CA TRP B 305 22.01 1.53 10.39
C TRP B 305 21.02 1.37 11.54
N VAL B 306 20.16 2.36 11.74
CA VAL B 306 19.09 2.23 12.71
C VAL B 306 18.20 1.11 12.20
N ALA B 307 18.18 0.00 12.92
CA ALA B 307 17.59 -1.23 12.41
C ALA B 307 16.15 -1.39 12.88
N SER B 308 15.45 -2.31 12.23
CA SER B 308 14.15 -2.76 12.69
C SER B 308 14.31 -3.96 13.61
N GLU B 309 13.20 -4.31 14.27
CA GLU B 309 13.18 -5.54 15.06
C GLU B 309 13.28 -6.78 14.18
N ALA B 310 13.15 -6.63 12.86
CA ALA B 310 13.20 -7.77 11.95
C ALA B 310 14.60 -8.27 11.71
N TRP B 311 15.63 -7.42 11.81
CA TRP B 311 17.00 -7.88 11.61
C TRP B 311 17.97 -7.36 12.65
N LEU B 312 17.49 -6.69 13.70
CA LEU B 312 18.36 -6.41 14.85
C LEU B 312 18.84 -7.71 15.48
N THR B 313 18.00 -8.72 15.50
CA THR B 313 18.35 -10.06 15.98
C THR B 313 18.10 -11.04 14.83
N SER B 314 19.11 -11.24 14.00
CA SER B 314 18.98 -12.14 12.86
C SER B 314 20.31 -12.79 12.55
N ASP B 315 20.29 -14.11 12.33
CA ASP B 315 21.50 -14.83 11.96
C ASP B 315 21.86 -14.53 10.50
N LEU B 316 20.87 -14.31 9.65
CA LEU B 316 21.15 -14.16 8.22
C LEU B 316 22.13 -13.03 7.95
N VAL B 317 21.85 -11.83 8.46
CA VAL B 317 22.76 -10.71 8.23
C VAL B 317 24.02 -10.89 9.06
N MET B 318 23.92 -11.55 10.22
CA MET B 318 25.08 -11.69 11.09
C MET B 318 26.16 -12.54 10.44
N GLY B 319 25.77 -13.60 9.73
CA GLY B 319 26.68 -14.62 9.26
C GLY B 319 27.46 -14.27 8.01
N LEU B 320 27.25 -13.11 7.42
CA LEU B 320 28.00 -12.73 6.22
C LEU B 320 29.44 -12.43 6.60
N PRO B 321 30.43 -13.08 6.00
CA PRO B 321 31.82 -12.77 6.35
C PRO B 321 32.19 -11.36 5.94
N GLY B 322 33.02 -10.73 6.76
CA GLY B 322 33.48 -9.37 6.49
C GLY B 322 32.45 -8.30 6.74
N MET B 323 31.31 -8.63 7.34
CA MET B 323 30.24 -7.66 7.55
C MET B 323 30.54 -6.68 8.68
N ALA B 324 31.42 -7.03 9.60
CA ALA B 324 31.57 -6.25 10.82
C ALA B 324 31.90 -4.79 10.53
N GLN B 325 32.66 -4.51 9.47
CA GLN B 325 33.05 -3.14 9.14
C GLN B 325 31.96 -2.50 8.27
N MET B 326 30.82 -2.22 8.90
CA MET B 326 29.73 -1.50 8.26
C MET B 326 29.11 -0.51 9.24
N GLY B 327 29.97 0.24 9.94
CA GLY B 327 29.48 1.22 10.89
C GLY B 327 29.09 0.58 12.22
N THR B 328 28.15 1.22 12.91
CA THR B 328 27.52 0.63 14.08
C THR B 328 26.04 0.42 13.81
N VAL B 329 25.56 -0.77 14.12
CA VAL B 329 24.15 -1.13 13.93
C VAL B 329 23.50 -1.10 15.29
N LEU B 330 22.43 -0.31 15.42
CA LEU B 330 21.71 -0.23 16.67
C LEU B 330 20.26 0.09 16.37
N GLY B 331 19.36 -0.73 16.89
CA GLY B 331 17.93 -0.54 16.67
C GLY B 331 17.12 -0.75 17.93
N PHE B 332 15.82 -0.98 17.79
CA PHE B 332 14.92 -1.16 18.89
C PHE B 332 14.34 -2.56 18.87
N LEU B 333 14.26 -3.18 20.06
CA LEU B 333 13.76 -4.53 20.22
C LEU B 333 12.54 -4.55 21.13
N GLN B 334 11.69 -5.55 20.96
CA GLN B 334 10.49 -5.68 21.77
C GLN B 334 10.84 -6.27 23.14
N ARG B 335 10.35 -5.63 24.20
CA ARG B 335 10.60 -6.10 25.56
C ARG B 335 9.41 -6.95 26.02
N GLY B 336 9.30 -8.14 25.43
CA GLY B 336 8.22 -9.06 25.72
C GLY B 336 8.66 -10.11 26.73
N ALA B 337 8.05 -10.07 27.91
CA ALA B 337 8.45 -10.97 28.99
C ALA B 337 8.40 -12.41 28.53
N GLN B 338 9.48 -13.15 28.81
CA GLN B 338 9.56 -14.53 28.39
C GLN B 338 8.46 -15.34 29.06
N LEU B 339 7.80 -16.19 28.28
CA LEU B 339 6.79 -17.10 28.80
C LEU B 339 7.47 -18.46 28.96
N HIS B 340 7.98 -18.72 30.16
CA HIS B 340 8.74 -19.95 30.41
C HIS B 340 7.79 -21.14 30.38
N GLU B 341 8.36 -22.31 30.65
CA GLU B 341 7.62 -23.58 30.73
C GLU B 341 6.94 -23.93 29.42
N PHE B 342 7.16 -23.13 28.37
CA PHE B 342 6.66 -23.51 27.05
C PHE B 342 7.42 -24.69 26.49
N PRO B 343 8.76 -24.72 26.53
CA PRO B 343 9.44 -25.97 26.12
C PRO B 343 9.03 -27.16 26.95
N GLN B 344 8.81 -26.96 28.25
CA GLN B 344 8.29 -28.05 29.07
C GLN B 344 6.96 -28.54 28.55
N TYR B 345 6.08 -27.61 28.18
CA TYR B 345 4.75 -27.98 27.71
C TYR B 345 4.82 -28.71 26.38
N VAL B 346 5.69 -28.25 25.47
CA VAL B 346 5.83 -28.91 24.18
C VAL B 346 6.38 -30.33 24.37
N LYS B 347 7.40 -30.47 25.22
CA LYS B 347 7.95 -31.80 25.49
C LYS B 347 6.88 -32.71 26.11
N THR B 348 6.11 -32.17 27.06
CA THR B 348 5.06 -32.97 27.68
C THR B 348 4.05 -33.44 26.66
N HIS B 349 3.66 -32.56 25.74
CA HIS B 349 2.68 -32.96 24.73
C HIS B 349 3.26 -33.97 23.76
N LEU B 350 4.51 -33.79 23.36
CA LEU B 350 5.14 -34.76 22.47
C LEU B 350 5.19 -36.13 23.12
N ALA B 351 5.56 -36.19 24.39
CA ALA B 351 5.59 -37.47 25.09
C ALA B 351 4.18 -38.03 25.26
N LEU B 352 3.22 -37.17 25.58
CA LEU B 352 1.90 -37.63 26.00
C LEU B 352 1.08 -38.12 24.82
N ALA B 353 1.17 -37.45 23.68
CA ALA B 353 0.42 -37.89 22.51
C ALA B 353 0.87 -39.25 22.00
N THR B 354 2.03 -39.75 22.46
CA THR B 354 2.53 -41.03 21.98
C THR B 354 1.72 -42.20 22.55
N ASP B 355 1.16 -42.04 23.74
CA ASP B 355 0.44 -43.15 24.37
C ASP B 355 -0.80 -43.47 23.55
N PRO B 356 -0.96 -44.70 23.06
CA PRO B 356 -2.15 -44.99 22.24
C PRO B 356 -3.45 -44.77 22.99
N ALA B 357 -3.50 -45.11 24.28
CA ALA B 357 -4.74 -45.00 25.02
C ALA B 357 -5.15 -43.55 25.22
N PHE B 358 -4.18 -42.65 25.36
CA PHE B 358 -4.50 -41.27 25.73
C PHE B 358 -5.38 -40.61 24.69
N CYS B 359 -4.85 -40.40 23.48
CA CYS B 359 -5.59 -39.63 22.50
C CYS B 359 -6.63 -40.46 21.75
N SER B 360 -6.57 -41.79 21.87
CA SER B 360 -7.69 -42.60 21.40
C SER B 360 -8.95 -42.25 22.17
N ALA B 361 -8.83 -42.12 23.49
CA ALA B 361 -9.96 -41.64 24.29
C ALA B 361 -10.32 -40.20 23.92
N LEU B 362 -9.31 -39.37 23.68
CA LEU B 362 -9.57 -37.99 23.27
C LEU B 362 -10.34 -37.96 21.96
N GLY B 363 -9.94 -38.80 21.01
CA GLY B 363 -10.67 -38.87 19.75
C GLY B 363 -12.08 -39.37 19.94
N GLU B 364 -12.28 -40.31 20.86
CA GLU B 364 -13.58 -40.88 21.12
C GLU B 364 -14.50 -39.85 21.77
N VAL B 374 -9.12 -29.68 11.04
CA VAL B 374 -7.94 -28.94 11.48
C VAL B 374 -6.74 -29.33 10.64
N GLY B 375 -5.83 -28.40 10.45
CA GLY B 375 -4.69 -28.63 9.60
C GLY B 375 -3.68 -29.57 10.24
N GLN B 376 -2.73 -30.00 9.42
CA GLN B 376 -1.74 -30.98 9.84
C GLN B 376 -2.42 -32.22 10.41
N ARG B 377 -3.31 -32.81 9.61
CA ARG B 377 -4.14 -33.92 10.08
C ARG B 377 -3.78 -35.25 9.46
N CYS B 378 -3.09 -35.27 8.33
CA CYS B 378 -2.72 -36.53 7.71
C CYS B 378 -1.72 -37.27 8.59
N PRO B 379 -1.65 -38.61 8.46
CA PRO B 379 -0.73 -39.35 9.34
C PRO B 379 0.71 -38.84 9.26
N GLN B 380 1.19 -38.53 8.07
CA GLN B 380 2.53 -37.94 7.95
C GLN B 380 2.56 -36.53 8.52
N CYS B 381 1.45 -35.78 8.38
CA CYS B 381 1.38 -34.43 8.93
C CYS B 381 1.53 -34.43 10.44
N ASP B 382 0.91 -35.41 11.11
CA ASP B 382 1.05 -35.56 12.55
C ASP B 382 2.26 -36.40 12.94
N CYS B 383 2.96 -36.99 11.98
CA CYS B 383 4.14 -37.80 12.27
C CYS B 383 5.35 -36.87 12.40
N ILE B 384 5.34 -36.10 13.49
CA ILE B 384 6.47 -35.27 13.87
C ILE B 384 7.13 -35.92 15.07
N THR B 385 8.29 -35.38 15.44
CA THR B 385 9.02 -35.86 16.61
C THR B 385 9.56 -34.65 17.36
N LEU B 386 10.15 -34.92 18.52
CA LEU B 386 10.75 -33.86 19.31
C LEU B 386 11.86 -33.16 18.54
N GLN B 387 12.63 -33.93 17.76
CA GLN B 387 13.72 -33.33 17.00
C GLN B 387 13.19 -32.39 15.93
N ASN B 388 12.09 -32.74 15.27
CA ASN B 388 11.57 -31.93 14.18
C ASN B 388 11.03 -30.60 14.66
N VAL B 389 10.65 -30.48 15.93
CA VAL B 389 10.02 -29.28 16.46
C VAL B 389 10.85 -28.61 17.55
N SER B 390 12.00 -29.17 17.90
CA SER B 390 12.80 -28.64 19.01
C SER B 390 13.76 -27.56 18.55
N ALA B 391 13.25 -26.56 17.82
CA ALA B 391 14.08 -25.48 17.31
C ALA B 391 13.68 -24.13 17.90
N GLY B 392 12.43 -23.71 17.75
CA GLY B 392 12.01 -22.43 18.25
C GLY B 392 11.90 -22.38 19.76
N LEU B 393 10.96 -23.15 20.31
CA LEU B 393 10.82 -23.27 21.75
C LEU B 393 10.71 -21.89 22.41
N ASN B 394 11.83 -21.37 22.92
CA ASN B 394 11.83 -20.12 23.69
C ASN B 394 11.71 -18.91 22.76
N HIS B 395 10.59 -18.88 22.05
CA HIS B 395 10.31 -17.80 21.10
C HIS B 395 9.50 -16.71 21.79
N HIS B 396 9.62 -15.50 21.25
CA HIS B 396 8.97 -14.33 21.84
C HIS B 396 7.56 -14.13 21.34
N GLN B 397 7.03 -15.03 20.51
CA GLN B 397 5.68 -14.92 20.00
C GLN B 397 4.72 -15.95 20.59
N THR B 398 5.24 -17.02 21.20
CA THR B 398 4.36 -17.89 21.98
C THR B 398 3.69 -17.10 23.10
N PHE B 399 4.43 -16.16 23.70
CA PHE B 399 3.82 -15.28 24.68
C PHE B 399 2.80 -14.36 24.04
N SER B 400 3.02 -13.95 22.78
CA SER B 400 2.03 -13.14 22.10
C SER B 400 0.72 -13.90 21.93
N VAL B 401 0.81 -15.16 21.54
CA VAL B 401 -0.40 -15.98 21.39
C VAL B 401 -1.06 -16.18 22.75
N TYR B 402 -0.25 -16.48 23.77
CA TYR B 402 -0.76 -16.55 25.13
C TYR B 402 -1.53 -15.28 25.49
N ALA B 403 -0.95 -14.12 25.18
CA ALA B 403 -1.55 -12.85 25.57
C ALA B 403 -2.85 -12.61 24.82
N ALA B 404 -2.91 -12.98 23.54
CA ALA B 404 -4.15 -12.85 22.80
C ALA B 404 -5.25 -13.70 23.41
N VAL B 405 -4.94 -14.96 23.70
CA VAL B 405 -5.94 -15.85 24.29
C VAL B 405 -6.41 -15.29 25.62
N TYR B 406 -5.49 -14.81 26.44
CA TYR B 406 -5.89 -14.27 27.73
C TYR B 406 -6.67 -12.97 27.59
N SER B 407 -6.38 -12.19 26.55
CA SER B 407 -7.13 -10.97 26.33
C SER B 407 -8.58 -11.29 26.01
N VAL B 408 -8.82 -12.30 25.17
CA VAL B 408 -10.20 -12.69 24.90
C VAL B 408 -10.83 -13.31 26.14
N ALA B 409 -10.05 -14.06 26.92
CA ALA B 409 -10.59 -14.64 28.15
C ALA B 409 -11.09 -13.54 29.08
N GLN B 410 -10.26 -12.53 29.34
CA GLN B 410 -10.67 -11.44 30.21
C GLN B 410 -11.78 -10.62 29.58
N ALA B 411 -11.79 -10.48 28.26
CA ALA B 411 -12.87 -9.77 27.60
C ALA B 411 -14.21 -10.46 27.85
N LEU B 412 -14.24 -11.78 27.72
CA LEU B 412 -15.45 -12.52 28.10
C LEU B 412 -15.78 -12.32 29.56
N HIS B 413 -14.78 -12.47 30.43
CA HIS B 413 -15.05 -12.33 31.86
C HIS B 413 -15.72 -11.00 32.15
N ASN B 414 -15.32 -9.95 31.45
CA ASN B 414 -15.95 -8.64 31.64
C ASN B 414 -17.35 -8.62 31.03
N THR B 415 -17.50 -9.12 29.82
CA THR B 415 -18.79 -9.00 29.14
C THR B 415 -19.84 -9.95 29.70
N LEU B 416 -19.43 -11.06 30.32
CA LEU B 416 -20.37 -12.01 30.88
C LEU B 416 -20.62 -11.77 32.36
N GLN B 417 -20.05 -10.71 32.92
CA GLN B 417 -20.32 -10.30 34.30
C GLN B 417 -20.13 -11.46 35.27
N CYS B 418 -19.08 -12.24 35.06
CA CYS B 418 -18.71 -13.27 36.01
C CYS B 418 -17.82 -12.70 37.10
N ASN B 419 -17.99 -13.24 38.30
CA ASN B 419 -17.18 -12.92 39.46
C ASN B 419 -16.45 -14.19 39.88
N ALA B 420 -15.78 -14.14 41.04
CA ALA B 420 -15.10 -15.32 41.55
C ALA B 420 -16.09 -16.45 41.73
N SER B 421 -15.83 -17.57 41.06
CA SER B 421 -16.62 -18.79 41.21
C SER B 421 -18.10 -18.55 40.91
N GLY B 422 -18.38 -17.87 39.80
CA GLY B 422 -19.75 -17.69 39.38
C GLY B 422 -19.91 -16.81 38.15
N CYS B 423 -21.02 -17.00 37.44
CA CYS B 423 -21.37 -16.19 36.29
C CYS B 423 -22.84 -16.39 35.96
N PRO B 424 -23.64 -15.31 35.84
CA PRO B 424 -25.06 -15.53 35.51
C PRO B 424 -25.26 -16.25 34.19
N ALA B 425 -24.43 -15.98 33.19
CA ALA B 425 -24.44 -16.70 31.92
C ALA B 425 -25.87 -16.92 31.42
N GLN B 426 -26.68 -15.87 31.53
CA GLN B 426 -28.09 -16.00 31.17
C GLN B 426 -28.25 -16.33 29.69
N ASP B 427 -27.50 -15.67 28.82
CA ASP B 427 -27.70 -15.76 27.39
C ASP B 427 -26.37 -15.89 26.67
N PRO B 428 -26.34 -16.48 25.49
CA PRO B 428 -25.10 -16.52 24.71
C PRO B 428 -24.62 -15.12 24.37
N VAL B 429 -23.31 -14.97 24.27
CA VAL B 429 -22.67 -13.69 24.03
C VAL B 429 -22.33 -13.58 22.55
N LYS B 430 -22.80 -12.53 21.92
CA LYS B 430 -22.37 -12.25 20.56
C LYS B 430 -21.01 -11.56 20.58
N PRO B 431 -20.22 -11.71 19.52
CA PRO B 431 -18.89 -11.09 19.52
C PRO B 431 -18.90 -9.57 19.69
N TRP B 432 -19.90 -8.89 19.13
CA TRP B 432 -19.88 -7.43 19.23
C TRP B 432 -19.94 -6.97 20.68
N GLN B 433 -20.49 -7.79 21.58
CA GLN B 433 -20.44 -7.45 22.99
C GLN B 433 -19.01 -7.40 23.49
N LEU B 434 -18.19 -8.39 23.09
CA LEU B 434 -16.77 -8.32 23.37
C LEU B 434 -16.18 -7.04 22.80
N LEU B 435 -16.43 -6.79 21.50
CA LEU B 435 -15.95 -5.56 20.88
C LEU B 435 -16.19 -4.37 21.81
N GLU B 436 -17.42 -4.26 22.31
CA GLU B 436 -17.72 -3.18 23.24
C GLU B 436 -16.83 -3.25 24.47
N ASN B 437 -16.62 -4.44 25.01
CA ASN B 437 -15.88 -4.60 26.25
C ASN B 437 -14.43 -5.06 26.03
N MET B 438 -13.96 -5.08 24.79
CA MET B 438 -12.54 -5.38 24.54
C MET B 438 -11.71 -4.13 24.36
N TYR B 439 -12.26 -3.08 23.77
CA TYR B 439 -11.57 -1.80 23.71
C TYR B 439 -11.22 -1.35 25.12
N ASN B 440 -10.03 -0.79 25.28
CA ASN B 440 -9.60 -0.23 26.56
C ASN B 440 -9.71 -1.26 27.68
N LEU B 441 -9.32 -2.49 27.39
CA LEU B 441 -9.35 -3.58 28.35
C LEU B 441 -7.94 -3.87 28.84
N THR B 442 -7.77 -3.91 30.15
CA THR B 442 -6.49 -4.26 30.76
C THR B 442 -6.59 -5.68 31.30
N PHE B 443 -5.73 -6.57 30.81
CA PHE B 443 -5.71 -7.96 31.25
C PHE B 443 -4.34 -8.29 31.79
N HIS B 444 -4.31 -9.00 32.91
CA HIS B 444 -3.06 -9.37 33.58
C HIS B 444 -2.55 -10.68 32.99
N VAL B 445 -1.41 -10.61 32.31
CA VAL B 445 -0.79 -11.78 31.69
C VAL B 445 0.65 -11.87 32.20
N GLY B 446 0.99 -13.02 32.80
CA GLY B 446 2.33 -13.18 33.34
C GLY B 446 2.74 -12.08 34.28
N GLY B 447 1.78 -11.44 34.94
CA GLY B 447 2.06 -10.33 35.81
C GLY B 447 2.24 -9.01 35.10
N LEU B 448 2.13 -8.98 33.76
CA LEU B 448 2.30 -7.75 33.00
C LEU B 448 0.91 -7.19 32.69
N PRO B 449 0.54 -6.02 33.21
CA PRO B 449 -0.83 -5.51 32.97
C PRO B 449 -0.99 -4.88 31.59
N LEU B 450 -0.85 -5.70 30.56
CA LEU B 450 -1.07 -5.23 29.20
C LEU B 450 -2.48 -4.70 29.06
N ARG B 451 -2.62 -3.56 28.39
CA ARG B 451 -3.93 -2.94 28.17
C ARG B 451 -4.05 -2.52 26.71
N PHE B 452 -5.23 -2.72 26.14
CA PHE B 452 -5.47 -2.40 24.75
C PHE B 452 -5.76 -0.92 24.60
N ASP B 453 -4.98 -0.25 23.75
CA ASP B 453 -5.20 1.16 23.50
C ASP B 453 -6.49 1.36 22.72
N SER B 454 -6.89 2.62 22.60
CA SER B 454 -8.15 2.94 21.93
C SER B 454 -8.15 2.44 20.50
N SER B 455 -7.02 2.58 19.79
CA SER B 455 -6.94 2.11 18.42
C SER B 455 -7.12 0.59 18.36
N GLY B 456 -6.44 -0.14 19.25
CA GLY B 456 -6.51 -1.58 19.26
C GLY B 456 -5.19 -2.23 19.63
N ASN B 457 -4.10 -1.46 19.55
CA ASN B 457 -2.78 -2.01 19.83
C ASN B 457 -2.57 -2.16 21.33
N VAL B 458 -1.35 -2.57 21.70
CA VAL B 458 -0.96 -2.75 23.09
C VAL B 458 0.22 -1.84 23.38
N ASP B 459 0.42 -1.54 24.65
CA ASP B 459 1.43 -0.58 25.09
C ASP B 459 2.57 -1.34 25.77
N MET B 460 3.66 -1.55 25.05
CA MET B 460 4.84 -2.19 25.59
C MET B 460 6.09 -1.39 25.22
N GLU B 461 7.06 -1.41 26.13
CA GLU B 461 8.29 -0.68 25.96
C GLU B 461 9.26 -1.43 25.07
N TYR B 462 10.27 -0.72 24.56
CA TYR B 462 11.30 -1.33 23.73
C TYR B 462 12.67 -1.17 24.39
N ASP B 463 13.72 -1.58 23.68
CA ASP B 463 15.08 -1.47 24.18
C ASP B 463 16.03 -1.26 23.01
N LEU B 464 17.08 -0.49 23.25
CA LEU B 464 18.06 -0.16 22.21
C LEU B 464 19.16 -1.20 22.21
N LYS B 465 19.01 -2.22 21.38
CA LYS B 465 20.03 -3.25 21.23
C LYS B 465 21.12 -2.74 20.29
N LEU B 466 22.37 -2.84 20.73
CA LEU B 466 23.51 -2.36 19.98
C LEU B 466 24.36 -3.53 19.52
N TRP B 467 24.79 -3.51 18.26
CA TRP B 467 25.62 -4.57 17.71
C TRP B 467 27.09 -4.24 17.96
N VAL B 468 27.54 -4.53 19.18
CA VAL B 468 28.96 -4.41 19.48
C VAL B 468 29.68 -5.66 18.98
N TRP B 469 30.89 -5.48 18.47
CA TRP B 469 31.64 -6.54 17.84
C TRP B 469 32.80 -6.94 18.74
N GLN B 470 32.81 -8.19 19.18
CA GLN B 470 34.00 -8.77 19.79
C GLN B 470 34.81 -9.56 18.78
N GLY B 471 34.37 -9.62 17.53
CA GLY B 471 35.05 -10.39 16.51
C GLY B 471 34.21 -11.54 16.00
N SER B 472 33.56 -11.32 14.85
CA SER B 472 32.79 -12.32 14.12
C SER B 472 31.48 -12.70 14.83
N VAL B 473 31.10 -12.02 15.91
CA VAL B 473 29.83 -12.28 16.58
C VAL B 473 29.31 -10.99 17.20
N PRO B 474 28.39 -10.29 16.53
CA PRO B 474 27.86 -9.03 17.09
C PRO B 474 26.83 -9.24 18.18
N ARG B 475 27.28 -9.38 19.43
CA ARG B 475 26.37 -9.50 20.54
C ARG B 475 25.52 -8.24 20.69
N LEU B 476 24.33 -8.40 21.27
CA LEU B 476 23.40 -7.31 21.51
C LEU B 476 23.27 -7.05 23.00
N HIS B 477 23.18 -5.78 23.38
CA HIS B 477 22.92 -5.44 24.78
C HIS B 477 22.29 -4.07 24.86
N ASP B 478 21.73 -3.78 26.04
CA ASP B 478 20.93 -2.57 26.24
C ASP B 478 21.82 -1.34 26.18
N VAL B 479 21.38 -0.36 25.41
CA VAL B 479 21.95 0.99 25.41
C VAL B 479 20.94 2.02 25.88
N GLY B 480 19.68 1.85 25.49
CA GLY B 480 18.63 2.77 25.89
C GLY B 480 17.28 2.11 25.76
N ARG B 481 16.36 2.49 26.63
CA ARG B 481 15.02 1.91 26.70
C ARG B 481 14.02 2.95 26.22
N PHE B 482 13.10 2.53 25.35
CA PHE B 482 12.10 3.43 24.80
C PHE B 482 10.76 3.16 25.46
N ASN B 483 10.14 4.22 26.00
CA ASN B 483 8.82 4.15 26.62
C ASN B 483 7.91 5.24 26.06
N GLY B 484 8.16 5.71 24.84
CA GLY B 484 7.58 6.93 24.34
C GLY B 484 8.52 8.12 24.47
N SER B 485 9.50 8.05 25.36
CA SER B 485 10.51 9.08 25.54
C SER B 485 11.86 8.37 25.58
N LEU B 486 12.52 8.29 24.43
CA LEU B 486 13.71 7.46 24.31
C LEU B 486 14.83 7.99 25.20
N ARG B 487 15.29 7.16 26.14
CA ARG B 487 16.41 7.50 27.01
C ARG B 487 17.56 6.55 26.68
N THR B 488 18.62 7.09 26.10
CA THR B 488 19.77 6.32 25.67
C THR B 488 20.99 6.66 26.52
N GLU B 489 21.77 5.63 26.84
CA GLU B 489 23.08 5.83 27.45
C GLU B 489 24.08 6.05 26.34
N ARG B 490 24.45 7.31 26.12
CA ARG B 490 25.37 7.67 25.04
C ARG B 490 26.76 7.09 25.27
N LEU B 491 27.05 6.60 26.46
CA LEU B 491 28.36 6.09 26.82
C LEU B 491 28.52 4.61 26.51
N LYS B 492 27.58 4.01 25.79
CA LYS B 492 27.59 2.58 25.53
C LYS B 492 27.59 2.24 24.04
N ILE B 493 28.08 3.14 23.18
CA ILE B 493 28.09 2.92 21.75
C ILE B 493 29.50 3.11 21.23
N ARG B 494 30.00 2.13 20.47
CA ARG B 494 31.38 2.19 20.00
C ARG B 494 31.53 3.19 18.87
N TRP B 495 30.54 3.29 17.99
CA TRP B 495 30.46 4.28 16.92
C TRP B 495 31.46 4.05 15.80
N HIS B 496 32.18 2.94 15.80
CA HIS B 496 33.24 2.68 14.82
C HIS B 496 34.05 3.95 14.58
N THR B 497 34.52 4.17 13.35
CA THR B 497 35.36 5.35 13.01
C THR B 497 36.57 5.39 13.93
N SER B 498 37.00 6.60 14.31
CA SER B 498 38.15 6.76 15.17
C SER B 498 37.78 7.64 16.36
N ASP B 499 38.25 7.27 17.54
CA ASP B 499 37.96 7.99 18.78
C ASP B 499 36.46 7.93 19.04
N ASN B 500 35.80 6.89 18.51
CA ASN B 500 34.41 6.60 18.81
C ASN B 500 33.51 7.83 18.71
N GLN B 501 33.92 8.83 17.94
CA GLN B 501 33.10 10.02 17.78
C GLN B 501 31.81 9.67 17.06
N LYS B 502 30.71 10.23 17.53
CA LYS B 502 29.41 9.88 16.95
C LYS B 502 29.39 10.31 15.49
N PRO B 503 29.03 9.43 14.56
CA PRO B 503 28.88 9.87 13.17
C PRO B 503 27.90 11.02 13.07
N VAL B 504 28.39 12.18 12.64
CA VAL B 504 27.57 13.39 12.56
C VAL B 504 26.94 13.46 11.18
N SER B 505 25.61 13.52 11.15
CA SER B 505 24.86 13.72 9.91
C SER B 505 23.90 14.88 10.16
N ARG B 506 24.24 16.06 9.65
CA ARG B 506 23.48 17.26 9.93
C ARG B 506 23.05 17.94 8.64
N CYS B 507 21.84 18.50 8.66
CA CYS B 507 21.32 19.33 7.60
C CYS B 507 21.23 20.76 8.12
N SER B 508 21.86 21.70 7.41
CA SER B 508 21.92 23.09 7.85
C SER B 508 20.59 23.76 7.51
N ARG B 509 19.68 23.73 8.47
CA ARG B 509 18.39 24.38 8.32
C ARG B 509 18.46 25.81 8.85
N GLN B 510 18.01 26.76 8.03
CA GLN B 510 17.94 28.16 8.42
C GLN B 510 19.32 28.68 8.82
N CYS B 511 20.23 28.69 7.86
CA CYS B 511 21.61 29.06 8.14
C CYS B 511 21.86 30.52 7.79
N GLN B 512 23.10 30.96 7.98
CA GLN B 512 23.42 32.38 8.13
C GLN B 512 22.96 33.18 6.93
N GLU B 513 22.88 34.50 7.14
CA GLU B 513 22.48 35.42 6.08
C GLU B 513 23.62 35.66 5.10
N GLY B 514 24.85 35.36 5.49
CA GLY B 514 25.97 35.56 4.59
C GLY B 514 26.13 34.51 3.52
N GLN B 515 25.19 33.55 3.41
CA GLN B 515 25.29 32.46 2.45
C GLN B 515 24.02 32.42 1.61
N VAL B 516 24.15 31.88 0.40
CA VAL B 516 23.01 31.63 -0.47
C VAL B 516 22.52 30.22 -0.21
N ARG B 517 21.23 30.00 -0.47
CA ARG B 517 20.56 28.77 -0.11
C ARG B 517 20.31 27.91 -1.34
N ARG B 518 20.66 26.63 -1.26
CA ARG B 518 20.29 25.65 -2.26
C ARG B 518 19.45 24.56 -1.59
N VAL B 519 18.27 24.30 -2.14
CA VAL B 519 17.38 23.30 -1.57
C VAL B 519 17.93 21.91 -1.85
N LYS B 520 18.01 21.08 -0.82
CA LYS B 520 18.41 19.68 -0.95
C LYS B 520 17.55 18.83 -0.03
N GLY B 521 17.26 17.61 -0.47
CA GLY B 521 16.49 16.68 0.33
C GLY B 521 15.22 16.21 -0.37
N PHE B 522 14.85 14.96 -0.13
CA PHE B 522 13.62 14.44 -0.72
C PHE B 522 12.43 15.29 -0.32
N HIS B 523 12.42 15.80 0.90
CA HIS B 523 11.50 16.86 1.32
C HIS B 523 12.32 18.14 1.49
N SER B 524 11.83 19.23 0.92
CA SER B 524 12.64 20.43 0.81
C SER B 524 13.08 20.99 2.15
N CYS B 525 12.67 20.38 3.27
CA CYS B 525 13.18 20.77 4.57
C CYS B 525 14.69 20.95 4.54
N CYS B 526 15.14 22.08 5.08
CA CYS B 526 16.56 22.41 5.18
C CYS B 526 17.22 22.56 3.82
N TYR B 527 18.35 23.26 3.79
CA TYR B 527 19.08 23.51 2.56
C TYR B 527 20.58 23.55 2.85
N ASP B 528 21.36 23.56 1.79
CA ASP B 528 22.82 23.58 1.88
C ASP B 528 23.28 25.01 1.63
N CYS B 529 24.12 25.51 2.52
CA CYS B 529 24.59 26.90 2.42
C CYS B 529 25.81 26.96 1.52
N VAL B 530 25.78 27.92 0.59
CA VAL B 530 26.88 28.17 -0.34
C VAL B 530 27.27 29.63 -0.22
N ASP B 531 28.56 29.90 -0.05
CA ASP B 531 29.03 31.26 0.15
C ASP B 531 29.20 31.97 -1.19
N CYS B 532 28.80 33.24 -1.24
CA CYS B 532 28.94 34.02 -2.46
C CYS B 532 30.42 34.21 -2.80
N GLU B 533 30.71 34.22 -4.10
CA GLU B 533 32.07 34.38 -4.60
C GLU B 533 32.35 35.86 -4.87
N ALA B 534 33.60 36.15 -5.20
CA ALA B 534 34.01 37.53 -5.43
C ALA B 534 33.19 38.16 -6.55
N GLY B 535 32.77 39.40 -6.34
CA GLY B 535 32.03 40.11 -7.36
C GLY B 535 30.56 39.74 -7.40
N SER B 536 30.26 38.45 -7.26
CA SER B 536 28.89 37.96 -7.38
C SER B 536 28.09 38.42 -6.18
N TYR B 537 27.30 39.48 -6.36
CA TYR B 537 26.50 40.04 -5.29
C TYR B 537 25.12 39.40 -5.29
N ARG B 538 24.74 38.83 -4.16
CA ARG B 538 23.42 38.23 -4.01
C ARG B 538 22.38 39.35 -4.11
N GLN B 539 21.67 39.41 -5.23
CA GLN B 539 20.74 40.51 -5.47
C GLN B 539 19.65 40.53 -4.41
N ASN B 540 19.10 39.38 -4.07
CA ASN B 540 18.12 39.23 -3.01
C ASN B 540 18.47 38.01 -2.18
N PRO B 541 18.03 37.95 -0.93
CA PRO B 541 18.35 36.80 -0.08
C PRO B 541 17.55 35.54 -0.38
N ASP B 542 16.86 35.47 -1.51
CA ASP B 542 16.03 34.33 -1.86
C ASP B 542 16.28 33.92 -3.31
N ASP B 543 17.53 33.95 -3.74
CA ASP B 543 17.92 33.54 -5.07
C ASP B 543 18.68 32.21 -5.01
N ILE B 544 18.91 31.62 -6.18
CA ILE B 544 19.63 30.36 -6.28
C ILE B 544 21.12 30.53 -6.49
N ALA B 545 21.59 31.76 -6.74
CA ALA B 545 23.01 32.01 -6.96
C ALA B 545 23.27 33.49 -6.75
N CYS B 546 24.55 33.83 -6.66
CA CYS B 546 24.99 35.20 -6.49
C CYS B 546 25.28 35.82 -7.85
N THR B 547 24.81 37.04 -8.06
CA THR B 547 24.87 37.70 -9.36
C THR B 547 26.09 38.61 -9.42
N PHE B 548 26.80 38.55 -10.55
CA PHE B 548 27.99 39.38 -10.73
C PHE B 548 27.61 40.81 -11.08
N CYS B 549 28.53 41.73 -10.77
CA CYS B 549 28.36 43.15 -11.05
C CYS B 549 29.60 43.65 -11.77
N GLY B 550 29.56 44.93 -12.18
CA GLY B 550 30.67 45.52 -12.88
C GLY B 550 31.82 45.89 -11.95
N GLN B 551 32.94 46.27 -12.57
CA GLN B 551 34.13 46.65 -11.83
C GLN B 551 33.95 47.94 -11.04
N ASP B 552 32.87 48.69 -11.29
CA ASP B 552 32.67 49.95 -10.59
C ASP B 552 32.55 49.75 -9.08
N GLU B 553 32.06 48.59 -8.65
CA GLU B 553 31.88 48.28 -7.23
C GLU B 553 32.79 47.13 -6.83
N TRP B 554 33.27 47.17 -5.59
CA TRP B 554 34.13 46.12 -5.04
C TRP B 554 33.29 45.21 -4.16
N SER B 555 33.31 43.91 -4.45
CA SER B 555 32.47 42.97 -3.73
C SER B 555 33.25 41.70 -3.38
N PRO B 556 33.55 41.47 -2.11
CA PRO B 556 34.23 40.22 -1.74
C PRO B 556 33.26 39.05 -1.64
N GLU B 557 33.77 37.89 -1.20
CA GLU B 557 32.92 36.74 -0.97
C GLU B 557 31.81 37.10 0.02
N ARG B 558 30.82 36.20 0.12
CA ARG B 558 29.70 36.35 1.05
C ARG B 558 29.23 37.80 1.11
N SER B 559 29.02 38.40 -0.07
CA SER B 559 28.55 39.78 -0.18
C SER B 559 27.29 39.81 -1.04
N THR B 560 26.23 40.39 -0.49
CA THR B 560 24.96 40.43 -1.21
C THR B 560 24.85 41.63 -2.13
N ARG B 561 25.40 42.77 -1.75
CA ARG B 561 25.33 44.00 -2.52
C ARG B 561 26.72 44.44 -2.92
N CYS B 562 26.90 44.73 -4.20
CA CYS B 562 28.19 45.21 -4.68
C CYS B 562 28.44 46.63 -4.18
N PHE B 563 29.53 46.81 -3.44
CA PHE B 563 29.86 48.08 -2.79
C PHE B 563 31.05 48.72 -3.49
N ARG B 564 30.90 50.01 -3.82
CA ARG B 564 31.99 50.77 -4.43
C ARG B 564 33.03 51.15 -3.39
#